data_2ZTG
#
_entry.id   2ZTG
#
_cell.length_a   160.391
_cell.length_b   49.082
_cell.length_c   98.044
_cell.angle_alpha   90.00
_cell.angle_beta   108.08
_cell.angle_gamma   90.00
#
_symmetry.space_group_name_H-M   'C 1 2 1'
#
loop_
_entity.id
_entity.type
_entity.pdbx_description
1 polymer 'Alanyl-tRNA synthetase'
2 non-polymer "'5'-O-(N-(L-ALANYL)-SULFAMOYL)ADENOSINE"
3 non-polymer 'ZINC ION'
4 water water
#
_entity_poly.entity_id   1
_entity_poly.type   'polypeptide(L)'
_entity_poly.pdbx_seq_one_letter_code
;(MSE)TLDEEYLDITFLTENGFVRKRCPKCGKHFWTADPEREICGDPPCESYSFIGNPVFKKPFELDE(MSE)REYYLNF
FERRGHGRIERYPVVARWRTDIYLTIASIADFQPFVTSGVAPPPANPLTISQPCIRLDDLDSVGRTGRHLTLFE(MSE)
(MSE)AHHAFNYPGKEIYWKNETVAYCTELLNELGVKKEDIVYKEEPWAGGGNAGPCLEAIVGGLEVATLVF(MSE)NLE
EHPEGDIEIKGARYRK(MSE)DNYIVDTGYGLERFVWASKGTPTVYDAIFPEVVDTIIDNSNVSFNREDERVRRIVAESS
KLAGI(MSE)GELRGERLNQLRKSVADTVGVSVEELEGIVVPLEKVYSLADHTRCILF(MSE)LGDGLVPSNAGAGYLAR
L(MSE)IRRSLRLAEELELGLDLYDLVE(MSE)HKKILGFEFDVPLSTVQEILELEKERYRTTVSKGTRLVERLVERKKK
LEKDDLIELYDSHGIPVELAVGIAAEKGAEVE(MSE)PKDIYAELAKRHSKAEKVQEKKITLQNEYPATEKLYYDDPTLL
EFEAEVIGVEGDFVILNRSAFYPESGGQDNDVGYLIANGGKFEVVDVLEADGVVLHVVKGAKPEVGTKVKGVIDSDVRWR
H(MSE)RHHSATHVLLYSLQKVLGNHVWQAGARKEFSKARLDVTHFRRPSEEEIKEIE(MSE)LANREILANKPIKWEW
(MSE)DRIEAERKFGFRLYQGGVPPGRKIRVVQVGDDVQACGGTHCRSTGEIG(MSE)LKILKVESIQDGVIRFEFAAGE
A
;
_entity_poly.pdbx_strand_id   A
#
loop_
_chem_comp.id
_chem_comp.type
_chem_comp.name
_chem_comp.formula
A5A non-polymer '5'-O-(N-(L-ALANYL)-SULFAMOYL)ADENOSINE 'C13 H19 N7 O7 S'
ZN non-polymer 'ZINC ION' 'Zn 2'
#
# COMPACT_ATOMS: atom_id res chain seq x y z
N MSE A 1 -25.35 -4.18 19.47
CA MSE A 1 -26.08 -4.33 18.18
C MSE A 1 -25.32 -5.20 17.19
O MSE A 1 -24.25 -4.82 16.71
CB MSE A 1 -26.34 -2.94 17.58
CG MSE A 1 -27.11 -2.98 16.28
SE MSE A 1 -27.86 -1.26 15.88
CE MSE A 1 -29.50 -1.42 16.89
N THR A 2 -25.89 -6.37 16.87
CA THR A 2 -25.27 -7.32 15.94
C THR A 2 -25.29 -6.82 14.49
N LEU A 3 -24.40 -7.38 13.68
CA LEU A 3 -24.30 -7.02 12.29
C LEU A 3 -25.65 -7.17 11.62
N ASP A 4 -26.35 -8.25 11.96
CA ASP A 4 -27.66 -8.52 11.38
C ASP A 4 -28.65 -7.43 11.68
N GLU A 5 -28.85 -7.14 12.96
CA GLU A 5 -29.79 -6.10 13.36
C GLU A 5 -29.27 -4.72 13.01
N GLU A 6 -28.02 -4.68 12.58
CA GLU A 6 -27.39 -3.42 12.19
C GLU A 6 -28.00 -2.94 10.88
N TYR A 7 -28.56 -3.87 10.11
CA TYR A 7 -29.22 -3.55 8.85
C TYR A 7 -30.69 -3.19 9.07
N LEU A 8 -31.28 -3.70 10.14
CA LEU A 8 -32.67 -3.41 10.44
C LEU A 8 -32.76 -2.01 11.05
N ASP A 9 -31.63 -1.33 11.08
CA ASP A 9 -31.53 0.02 11.64
C ASP A 9 -31.74 1.05 10.54
N ILE A 10 -31.45 0.66 9.31
CA ILE A 10 -31.56 1.54 8.15
C ILE A 10 -33.00 1.73 7.72
N THR A 11 -33.58 2.89 8.06
CA THR A 11 -34.96 3.18 7.71
C THR A 11 -35.12 3.58 6.23
N PHE A 12 -34.00 3.92 5.58
CA PHE A 12 -34.05 4.32 4.18
C PHE A 12 -34.46 3.19 3.23
N LEU A 13 -34.02 1.96 3.51
CA LEU A 13 -34.36 0.82 2.65
C LEU A 13 -35.85 0.53 2.67
N THR A 14 -36.40 0.32 3.85
CA THR A 14 -37.83 0.00 4.01
C THR A 14 -38.75 1.13 3.54
N GLU A 15 -38.36 2.37 3.82
CA GLU A 15 -39.15 3.53 3.43
C GLU A 15 -39.02 3.87 1.95
N ASN A 16 -38.26 3.09 1.20
CA ASN A 16 -38.08 3.35 -0.21
C ASN A 16 -38.43 2.17 -1.09
N GLY A 17 -39.10 1.19 -0.49
CA GLY A 17 -39.52 0.03 -1.25
C GLY A 17 -38.62 -1.18 -1.17
N PHE A 18 -37.50 -1.07 -0.47
CA PHE A 18 -36.61 -2.22 -0.37
C PHE A 18 -37.07 -3.19 0.70
N VAL A 19 -37.11 -4.47 0.34
CA VAL A 19 -37.51 -5.50 1.29
C VAL A 19 -36.36 -6.50 1.44
N ARG A 20 -36.16 -6.99 2.66
CA ARG A 20 -35.10 -7.93 2.93
C ARG A 20 -35.48 -9.36 2.56
N LYS A 21 -34.64 -10.04 1.79
CA LYS A 21 -34.89 -11.41 1.36
C LYS A 21 -33.65 -12.29 1.59
N ARG A 22 -33.69 -13.51 1.09
CA ARG A 22 -32.59 -14.45 1.24
C ARG A 22 -32.99 -15.60 0.31
N CYS A 23 -32.56 -15.49 -0.95
CA CYS A 23 -32.91 -16.44 -2.02
C CYS A 23 -32.80 -17.97 -1.88
N PRO A 24 -31.61 -18.54 -1.63
CA PRO A 24 -30.22 -18.11 -1.39
C PRO A 24 -29.56 -17.21 -2.42
N LYS A 25 -29.09 -17.80 -3.52
CA LYS A 25 -28.38 -17.05 -4.54
C LYS A 25 -27.25 -16.36 -3.82
N CYS A 26 -26.29 -17.16 -3.36
CA CYS A 26 -25.11 -16.69 -2.61
C CYS A 26 -25.31 -17.00 -1.12
N GLY A 27 -26.53 -17.40 -0.76
CA GLY A 27 -26.82 -17.74 0.63
C GLY A 27 -26.88 -16.65 1.67
N LYS A 28 -26.70 -15.38 1.27
CA LYS A 28 -26.72 -14.24 2.19
C LYS A 28 -28.09 -13.56 2.20
N HIS A 29 -28.19 -12.47 2.95
CA HIS A 29 -29.42 -11.67 2.99
C HIS A 29 -29.18 -10.51 2.04
N PHE A 30 -30.23 -10.03 1.40
CA PHE A 30 -30.10 -8.89 0.51
C PHE A 30 -31.39 -8.07 0.47
N TRP A 31 -31.29 -6.84 0.00
CA TRP A 31 -32.45 -5.97 -0.08
C TRP A 31 -32.77 -5.64 -1.51
N THR A 32 -34.03 -5.84 -1.90
CA THR A 32 -34.49 -5.55 -3.24
C THR A 32 -35.77 -4.73 -3.19
N ALA A 33 -35.94 -3.86 -4.18
CA ALA A 33 -37.12 -3.02 -4.24
C ALA A 33 -38.01 -3.51 -5.38
N ASP A 34 -37.59 -4.60 -6.01
CA ASP A 34 -38.36 -5.18 -7.11
C ASP A 34 -39.34 -6.21 -6.57
N PRO A 35 -40.65 -5.90 -6.64
CA PRO A 35 -41.68 -6.80 -6.14
C PRO A 35 -41.85 -8.07 -6.97
N GLU A 36 -41.44 -8.01 -8.25
CA GLU A 36 -41.61 -9.15 -9.12
C GLU A 36 -40.83 -10.38 -8.67
N ARG A 37 -39.50 -10.31 -8.65
CA ARG A 37 -38.77 -11.49 -8.24
C ARG A 37 -37.42 -11.35 -7.53
N GLU A 38 -37.07 -12.42 -6.84
CA GLU A 38 -35.83 -12.53 -6.09
C GLU A 38 -35.17 -13.86 -6.45
N ILE A 39 -33.97 -13.75 -7.01
CA ILE A 39 -33.12 -14.84 -7.46
C ILE A 39 -31.91 -13.97 -7.74
N CYS A 40 -32.04 -12.74 -7.24
CA CYS A 40 -31.07 -11.67 -7.39
C CYS A 40 -29.73 -11.89 -6.73
N GLY A 41 -28.70 -11.27 -7.30
CA GLY A 41 -27.38 -11.40 -6.75
C GLY A 41 -26.30 -11.03 -7.73
N ASP A 42 -25.17 -11.71 -7.63
CA ASP A 42 -24.03 -11.43 -8.47
C ASP A 42 -23.23 -12.67 -8.94
N PRO A 43 -22.50 -13.34 -8.03
CA PRO A 43 -21.70 -14.52 -8.36
C PRO A 43 -22.33 -15.79 -8.97
N PRO A 44 -23.28 -16.42 -8.26
CA PRO A 44 -23.91 -17.64 -8.79
C PRO A 44 -24.85 -17.65 -10.01
N CYS A 45 -26.08 -17.16 -9.86
CA CYS A 45 -27.01 -17.23 -10.98
C CYS A 45 -27.25 -16.03 -11.88
N GLU A 46 -26.78 -14.85 -11.49
CA GLU A 46 -26.96 -13.73 -12.41
C GLU A 46 -25.69 -13.83 -13.20
N SER A 47 -25.54 -12.96 -14.17
CA SER A 47 -24.36 -12.95 -15.00
C SER A 47 -24.44 -11.53 -15.47
N TYR A 48 -23.46 -11.07 -16.23
CA TYR A 48 -23.55 -9.70 -16.67
C TYR A 48 -24.72 -9.61 -17.62
N SER A 49 -25.49 -8.54 -17.49
CA SER A 49 -26.65 -8.33 -18.35
C SER A 49 -26.48 -7.03 -19.13
N PHE A 50 -25.51 -6.23 -18.71
CA PHE A 50 -25.23 -4.95 -19.36
C PHE A 50 -24.29 -5.08 -20.57
N ILE A 51 -23.74 -6.27 -20.81
CA ILE A 51 -22.85 -6.44 -21.95
C ILE A 51 -23.67 -6.31 -23.23
N GLY A 52 -23.39 -5.26 -24.00
CA GLY A 52 -24.13 -5.02 -25.24
C GLY A 52 -25.37 -4.19 -24.98
N ASN A 53 -25.64 -3.90 -23.72
CA ASN A 53 -26.80 -3.11 -23.36
C ASN A 53 -26.49 -2.35 -22.08
N PRO A 54 -25.76 -1.21 -22.20
CA PRO A 54 -25.40 -0.39 -21.05
C PRO A 54 -26.56 -0.17 -20.09
N VAL A 55 -26.24 -0.02 -18.81
CA VAL A 55 -27.23 0.18 -17.76
C VAL A 55 -27.31 1.62 -17.32
N PHE A 56 -26.38 2.45 -17.81
CA PHE A 56 -26.39 3.87 -17.46
C PHE A 56 -26.91 4.67 -18.64
N LYS A 57 -27.30 5.92 -18.37
CA LYS A 57 -27.83 6.81 -19.40
C LYS A 57 -26.92 6.89 -20.60
N LYS A 58 -25.70 7.37 -20.38
CA LYS A 58 -24.73 7.53 -21.45
C LYS A 58 -23.43 6.84 -21.12
N PRO A 59 -22.56 6.64 -22.14
CA PRO A 59 -21.26 5.99 -21.95
C PRO A 59 -20.22 7.03 -21.52
N PHE A 60 -19.66 6.86 -20.33
CA PHE A 60 -18.67 7.80 -19.83
C PHE A 60 -17.25 7.35 -20.12
N GLU A 61 -16.35 8.31 -20.25
CA GLU A 61 -14.95 7.99 -20.45
C GLU A 61 -14.40 8.03 -19.03
N LEU A 62 -13.27 7.37 -18.81
CA LEU A 62 -12.65 7.30 -17.49
C LEU A 62 -12.63 8.65 -16.76
N ASP A 63 -11.99 9.64 -17.39
CA ASP A 63 -11.88 10.98 -16.83
C ASP A 63 -13.21 11.67 -16.61
N GLU A 64 -14.18 11.44 -17.49
CA GLU A 64 -15.52 12.05 -17.37
C GLU A 64 -16.31 11.48 -16.18
N MSE A 65 -16.28 10.16 -16.03
CA MSE A 65 -16.99 9.50 -14.92
C MSE A 65 -16.34 9.89 -13.60
O MSE A 65 -17.01 10.10 -12.60
CB MSE A 65 -16.95 7.99 -15.09
CG MSE A 65 -17.53 7.22 -13.91
SE MSE A 65 -19.42 7.53 -13.56
CE MSE A 65 -20.16 6.48 -15.01
N ARG A 66 -15.02 10.02 -13.62
CA ARG A 66 -14.26 10.39 -12.42
C ARG A 66 -14.71 11.78 -11.96
N GLU A 67 -14.76 12.72 -12.91
CA GLU A 67 -15.15 14.09 -12.63
C GLU A 67 -16.63 14.15 -12.22
N TYR A 68 -17.48 13.43 -12.95
CA TYR A 68 -18.90 13.39 -12.65
C TYR A 68 -19.16 12.94 -11.21
N TYR A 69 -18.47 11.90 -10.76
CA TYR A 69 -18.64 11.38 -9.40
C TYR A 69 -18.17 12.40 -8.35
N LEU A 70 -17.01 12.98 -8.60
CA LEU A 70 -16.42 13.96 -7.68
C LEU A 70 -17.27 15.24 -7.57
N ASN A 71 -17.73 15.75 -8.70
CA ASN A 71 -18.56 16.95 -8.69
C ASN A 71 -19.90 16.63 -8.02
N PHE A 72 -20.38 15.41 -8.24
CA PHE A 72 -21.65 15.00 -7.67
C PHE A 72 -21.70 15.17 -6.17
N PHE A 73 -20.63 14.78 -5.48
CA PHE A 73 -20.58 14.93 -4.03
C PHE A 73 -20.12 16.30 -3.57
N GLU A 74 -19.39 17.00 -4.44
CA GLU A 74 -18.95 18.36 -4.09
C GLU A 74 -20.17 19.26 -4.03
N ARG A 75 -21.16 19.02 -4.91
CA ARG A 75 -22.36 19.83 -4.88
C ARG A 75 -23.32 19.28 -3.84
N ARG A 76 -22.78 18.45 -2.95
CA ARG A 76 -23.56 17.87 -1.88
C ARG A 76 -22.80 17.98 -0.57
N GLY A 77 -21.99 19.03 -0.48
CA GLY A 77 -21.26 19.30 0.74
C GLY A 77 -19.94 18.62 0.96
N HIS A 78 -19.52 17.77 0.02
CA HIS A 78 -18.24 17.08 0.20
C HIS A 78 -17.05 17.84 -0.34
N GLY A 79 -15.97 17.84 0.44
CA GLY A 79 -14.74 18.49 0.04
C GLY A 79 -13.90 17.52 -0.77
N ARG A 80 -13.44 17.99 -1.93
CA ARG A 80 -12.64 17.20 -2.84
C ARG A 80 -11.20 17.12 -2.38
N ILE A 81 -10.61 15.94 -2.45
CA ILE A 81 -9.22 15.78 -2.03
C ILE A 81 -8.43 14.97 -3.03
N GLU A 82 -7.18 15.36 -3.26
CA GLU A 82 -6.30 14.69 -4.21
C GLU A 82 -5.89 13.28 -3.75
N ARG A 83 -5.72 12.38 -4.72
CA ARG A 83 -5.35 11.02 -4.40
C ARG A 83 -4.05 10.94 -3.60
N TYR A 84 -3.90 9.82 -2.92
CA TYR A 84 -2.71 9.53 -2.14
C TYR A 84 -1.92 8.58 -3.02
N PRO A 85 -0.63 8.38 -2.73
CA PRO A 85 0.09 7.45 -3.61
C PRO A 85 -0.38 6.02 -3.33
N VAL A 86 -0.04 5.09 -4.21
CA VAL A 86 -0.43 3.72 -4.03
C VAL A 86 0.48 3.00 -3.03
N VAL A 87 1.50 3.70 -2.55
CA VAL A 87 2.43 3.18 -1.55
C VAL A 87 2.04 3.86 -0.24
N ALA A 88 1.65 3.08 0.76
CA ALA A 88 1.21 3.62 2.06
C ALA A 88 2.32 4.25 2.93
N ARG A 89 2.84 5.38 2.47
CA ARG A 89 3.92 6.10 3.15
C ARG A 89 3.51 6.60 4.53
N TRP A 90 2.24 6.94 4.67
CA TRP A 90 1.71 7.46 5.93
C TRP A 90 1.49 6.44 7.06
N ARG A 91 1.75 5.16 6.81
CA ARG A 91 1.57 4.11 7.81
C ARG A 91 2.71 3.09 7.74
N THR A 92 2.67 2.08 8.60
CA THR A 92 3.72 1.09 8.61
C THR A 92 3.21 -0.33 8.73
N ASP A 93 1.90 -0.48 8.84
CA ASP A 93 1.32 -1.81 8.96
C ASP A 93 1.10 -2.51 7.63
N ILE A 94 0.87 -1.76 6.55
CA ILE A 94 0.68 -2.35 5.22
C ILE A 94 1.54 -1.61 4.20
N TYR A 95 1.84 -2.26 3.10
CA TYR A 95 2.72 -1.68 2.09
C TYR A 95 2.00 -0.84 1.05
N LEU A 96 0.89 -1.34 0.53
CA LEU A 96 0.15 -0.62 -0.51
C LEU A 96 -1.24 -0.15 -0.08
N THR A 97 -1.81 0.80 -0.80
CA THR A 97 -3.13 1.33 -0.52
C THR A 97 -4.17 0.35 -1.05
N ILE A 98 -4.83 -0.36 -0.14
CA ILE A 98 -5.83 -1.35 -0.56
C ILE A 98 -7.25 -0.83 -0.68
N ALA A 99 -7.50 0.36 -0.14
CA ALA A 99 -8.83 0.97 -0.20
C ALA A 99 -8.71 2.45 0.07
N SER A 100 -9.67 3.24 -0.40
CA SER A 100 -9.60 4.66 -0.13
C SER A 100 -9.55 4.89 1.38
N ILE A 101 -10.27 4.08 2.15
CA ILE A 101 -10.28 4.28 3.60
C ILE A 101 -8.89 4.12 4.20
N ALA A 102 -8.02 3.44 3.45
CA ALA A 102 -6.66 3.19 3.90
C ALA A 102 -5.84 4.48 4.00
N ASP A 103 -6.24 5.52 3.25
CA ASP A 103 -5.55 6.80 3.31
C ASP A 103 -5.72 7.42 4.68
N PHE A 104 -6.81 7.06 5.34
CA PHE A 104 -7.09 7.65 6.64
C PHE A 104 -6.88 6.76 7.86
N GLN A 105 -6.15 5.64 7.71
CA GLN A 105 -5.84 4.75 8.83
C GLN A 105 -4.34 4.86 9.12
N PRO A 106 -3.96 4.74 10.40
CA PRO A 106 -4.86 4.50 11.52
C PRO A 106 -5.12 5.77 12.32
N PHE A 107 -4.38 6.83 12.02
CA PHE A 107 -4.48 8.10 12.77
C PHE A 107 -5.80 8.86 12.66
N VAL A 108 -6.40 8.89 11.48
CA VAL A 108 -7.67 9.60 11.34
C VAL A 108 -8.84 8.74 11.80
N THR A 109 -8.85 7.46 11.44
CA THR A 109 -9.93 6.57 11.85
C THR A 109 -9.97 6.33 13.36
N SER A 110 -8.86 6.57 14.03
CA SER A 110 -8.80 6.39 15.46
C SER A 110 -9.04 7.72 16.17
N GLY A 111 -9.26 8.77 15.40
CA GLY A 111 -9.50 10.08 15.99
C GLY A 111 -8.25 10.88 16.30
N VAL A 112 -7.08 10.22 16.29
CA VAL A 112 -5.82 10.89 16.58
C VAL A 112 -5.63 12.14 15.73
N ALA A 113 -6.10 12.10 14.48
CA ALA A 113 -5.97 13.26 13.60
C ALA A 113 -7.27 13.49 12.82
N PRO A 114 -7.49 14.73 12.36
CA PRO A 114 -8.68 15.08 11.60
C PRO A 114 -8.56 14.80 10.09
N PRO A 115 -9.67 14.45 9.44
CA PRO A 115 -9.63 14.18 8.01
C PRO A 115 -9.39 15.50 7.27
N PRO A 116 -8.91 15.43 6.01
CA PRO A 116 -8.63 16.61 5.17
C PRO A 116 -9.84 17.54 5.09
N ALA A 117 -11.00 16.94 4.98
CA ALA A 117 -12.26 17.66 4.92
C ALA A 117 -13.26 16.71 5.57
N ASN A 118 -14.48 17.20 5.81
CA ASN A 118 -15.49 16.36 6.44
C ASN A 118 -16.90 16.88 6.21
N PRO A 119 -17.68 16.20 5.38
CA PRO A 119 -17.29 14.97 4.68
C PRO A 119 -16.39 15.27 3.48
N LEU A 120 -15.68 14.24 2.99
CA LEU A 120 -14.79 14.40 1.84
C LEU A 120 -15.11 13.43 0.71
N THR A 121 -14.61 13.74 -0.47
CA THR A 121 -14.82 12.87 -1.62
C THR A 121 -13.48 12.72 -2.31
N ILE A 122 -13.20 11.53 -2.84
CA ILE A 122 -11.90 11.29 -3.46
C ILE A 122 -11.93 10.11 -4.42
N SER A 123 -10.96 10.07 -5.32
CA SER A 123 -10.83 8.96 -6.26
C SER A 123 -9.45 8.40 -5.93
N GLN A 124 -9.41 7.32 -5.17
CA GLN A 124 -8.15 6.74 -4.74
C GLN A 124 -7.68 5.51 -5.50
N PRO A 125 -6.54 5.59 -6.20
CA PRO A 125 -6.00 4.44 -6.93
C PRO A 125 -5.61 3.42 -5.85
N CYS A 126 -6.04 2.18 -6.01
CA CYS A 126 -5.76 1.13 -5.03
C CYS A 126 -5.17 -0.06 -5.71
N ILE A 127 -4.42 -0.86 -4.97
CA ILE A 127 -3.85 -2.08 -5.52
C ILE A 127 -4.33 -3.32 -4.73
N ARG A 128 -4.98 -4.25 -5.41
CA ARG A 128 -5.46 -5.45 -4.74
C ARG A 128 -4.80 -6.70 -5.29
N LEU A 129 -3.68 -7.08 -4.71
CA LEU A 129 -2.95 -8.23 -5.20
C LEU A 129 -3.68 -9.55 -4.94
N ASP A 130 -4.55 -9.55 -3.94
CA ASP A 130 -5.33 -10.74 -3.61
C ASP A 130 -6.26 -11.16 -4.75
N ASP A 131 -6.54 -10.24 -5.68
CA ASP A 131 -7.41 -10.54 -6.81
C ASP A 131 -6.57 -10.90 -8.06
N LEU A 132 -5.26 -10.96 -7.87
CA LEU A 132 -4.35 -11.24 -8.97
C LEU A 132 -4.75 -12.41 -9.85
N ASP A 133 -5.15 -13.51 -9.22
CA ASP A 133 -5.51 -14.71 -9.97
C ASP A 133 -6.84 -14.59 -10.73
N SER A 134 -7.71 -13.67 -10.32
CA SER A 134 -8.97 -13.53 -11.05
C SER A 134 -8.90 -12.43 -12.12
N VAL A 135 -7.82 -11.65 -12.15
CA VAL A 135 -7.64 -10.60 -13.16
C VAL A 135 -7.59 -11.19 -14.56
N GLY A 136 -8.28 -10.57 -15.51
CA GLY A 136 -8.27 -11.08 -16.87
C GLY A 136 -9.23 -12.25 -17.06
N ARG A 137 -9.74 -12.78 -15.96
CA ARG A 137 -10.62 -13.94 -16.07
C ARG A 137 -12.09 -13.69 -15.78
N THR A 138 -12.38 -12.88 -14.78
CA THR A 138 -13.74 -12.58 -14.41
C THR A 138 -14.34 -11.43 -15.22
N GLY A 139 -13.50 -10.67 -15.93
CA GLY A 139 -13.96 -9.53 -16.71
C GLY A 139 -14.15 -8.28 -15.86
N ARG A 140 -14.07 -8.45 -14.55
CA ARG A 140 -14.28 -7.35 -13.62
C ARG A 140 -13.18 -7.08 -12.57
N HIS A 141 -12.10 -7.85 -12.58
CA HIS A 141 -11.04 -7.63 -11.59
C HIS A 141 -9.79 -6.98 -12.14
N LEU A 142 -9.22 -6.09 -11.35
CA LEU A 142 -7.99 -5.42 -11.76
C LEU A 142 -7.07 -5.50 -10.55
N THR A 143 -5.79 -5.28 -10.75
CA THR A 143 -4.90 -5.24 -9.61
C THR A 143 -4.91 -3.79 -9.13
N LEU A 144 -4.77 -2.85 -10.07
CA LEU A 144 -4.79 -1.42 -9.74
C LEU A 144 -6.09 -0.80 -10.26
N PHE A 145 -6.82 -0.13 -9.37
CA PHE A 145 -8.10 0.48 -9.75
C PHE A 145 -8.44 1.64 -8.85
N GLU A 146 -9.25 2.55 -9.36
CA GLU A 146 -9.62 3.70 -8.56
C GLU A 146 -10.92 3.44 -7.81
N MSE A 147 -10.86 3.64 -6.50
CA MSE A 147 -12.03 3.48 -5.69
C MSE A 147 -12.51 4.90 -5.38
O MSE A 147 -11.84 5.66 -4.66
CB MSE A 147 -11.68 2.75 -4.39
CG MSE A 147 -12.85 2.69 -3.38
SE MSE A 147 -12.45 1.51 -1.89
CE MSE A 147 -13.44 2.37 -0.49
N MSE A 148 -13.64 5.30 -5.95
CA MSE A 148 -14.16 6.64 -5.71
C MSE A 148 -14.92 6.56 -4.38
O MSE A 148 -15.57 5.58 -4.09
CB MSE A 148 -15.09 7.05 -6.85
CG MSE A 148 -14.46 6.89 -8.21
SE MSE A 148 -15.67 7.30 -9.65
CE MSE A 148 -17.06 5.97 -9.30
N ALA A 149 -14.81 7.57 -3.54
CA ALA A 149 -15.55 7.46 -2.30
C ALA A 149 -15.98 8.76 -1.69
N HIS A 150 -16.99 8.65 -0.83
CA HIS A 150 -17.42 9.78 -0.03
C HIS A 150 -17.29 9.26 1.39
N HIS A 151 -16.48 9.95 2.19
CA HIS A 151 -16.26 9.54 3.58
C HIS A 151 -16.81 10.57 4.55
N ALA A 152 -17.26 10.12 5.72
CA ALA A 152 -17.77 11.04 6.73
C ALA A 152 -17.21 10.52 8.03
N PHE A 153 -16.56 11.37 8.82
CA PHE A 153 -15.97 10.94 10.08
C PHE A 153 -16.78 11.42 11.29
N ASN A 154 -17.45 10.49 11.97
CA ASN A 154 -18.29 10.83 13.12
C ASN A 154 -17.64 10.53 14.45
N TYR A 155 -17.97 11.32 15.46
CA TYR A 155 -17.40 11.07 16.77
C TYR A 155 -18.59 11.18 17.69
N PRO A 156 -18.51 10.61 18.89
CA PRO A 156 -19.61 10.68 19.84
C PRO A 156 -20.11 12.11 20.04
N GLY A 157 -21.35 12.36 19.65
CA GLY A 157 -21.93 13.68 19.82
C GLY A 157 -21.73 14.59 18.63
N LYS A 158 -20.93 14.12 17.67
CA LYS A 158 -20.65 14.91 16.49
C LYS A 158 -20.80 14.03 15.24
N GLU A 159 -22.02 13.99 14.72
CA GLU A 159 -22.29 13.18 13.54
C GLU A 159 -22.53 14.02 12.29
N ILE A 160 -21.82 13.71 11.21
CA ILE A 160 -21.96 14.41 9.93
C ILE A 160 -23.14 13.75 9.24
N TYR A 161 -23.04 12.42 9.08
CA TYR A 161 -24.12 11.59 8.54
C TYR A 161 -23.80 10.10 8.69
N TRP A 162 -24.84 9.27 8.78
CA TRP A 162 -24.61 7.84 8.99
C TRP A 162 -25.19 6.95 7.91
N LYS A 163 -25.65 5.78 8.32
CA LYS A 163 -26.20 4.78 7.40
C LYS A 163 -27.27 5.25 6.44
N ASN A 164 -28.34 5.87 6.94
CA ASN A 164 -29.43 6.34 6.08
C ASN A 164 -28.96 7.27 4.96
N GLU A 165 -28.18 8.27 5.33
CA GLU A 165 -27.69 9.21 4.33
C GLU A 165 -26.76 8.51 3.33
N THR A 166 -25.98 7.55 3.83
CA THR A 166 -25.01 6.84 2.98
C THR A 166 -25.71 6.06 1.91
N VAL A 167 -26.61 5.17 2.31
CA VAL A 167 -27.35 4.36 1.35
C VAL A 167 -28.16 5.26 0.42
N ALA A 168 -28.73 6.34 0.96
CA ALA A 168 -29.50 7.29 0.14
C ALA A 168 -28.59 7.92 -0.94
N TYR A 169 -27.37 8.32 -0.56
CA TYR A 169 -26.43 8.87 -1.55
C TYR A 169 -26.15 7.90 -2.72
N CYS A 170 -25.86 6.64 -2.40
CA CYS A 170 -25.59 5.62 -3.43
C CYS A 170 -26.80 5.44 -4.36
N THR A 171 -28.00 5.35 -3.79
CA THR A 171 -29.21 5.21 -4.60
C THR A 171 -29.39 6.42 -5.52
N GLU A 172 -29.34 7.61 -4.93
CA GLU A 172 -29.47 8.86 -5.67
C GLU A 172 -28.47 8.93 -6.82
N LEU A 173 -27.18 8.72 -6.52
CA LEU A 173 -26.14 8.76 -7.56
C LEU A 173 -26.46 7.78 -8.66
N LEU A 174 -26.81 6.55 -8.26
CA LEU A 174 -27.16 5.49 -9.21
C LEU A 174 -28.36 5.92 -10.06
N ASN A 175 -29.47 6.28 -9.42
CA ASN A 175 -30.68 6.73 -10.13
C ASN A 175 -30.35 7.82 -11.15
N GLU A 176 -29.55 8.80 -10.74
CA GLU A 176 -29.17 9.90 -11.62
C GLU A 176 -28.39 9.46 -12.84
N LEU A 177 -27.80 8.25 -12.77
CA LEU A 177 -27.01 7.73 -13.89
C LEU A 177 -27.84 6.89 -14.84
N GLY A 178 -29.01 6.47 -14.38
CA GLY A 178 -29.89 5.69 -15.24
C GLY A 178 -30.37 4.37 -14.67
N VAL A 179 -30.09 4.13 -13.40
CA VAL A 179 -30.48 2.86 -12.78
C VAL A 179 -31.53 3.11 -11.72
N LYS A 180 -32.70 2.52 -11.93
CA LYS A 180 -33.81 2.69 -11.00
C LYS A 180 -33.63 1.79 -9.78
N LYS A 181 -34.09 2.26 -8.63
CA LYS A 181 -33.96 1.51 -7.39
C LYS A 181 -34.43 0.07 -7.54
N GLU A 182 -35.36 -0.15 -8.47
CA GLU A 182 -35.89 -1.47 -8.70
C GLU A 182 -34.81 -2.39 -9.25
N ASP A 183 -33.77 -1.80 -9.81
CA ASP A 183 -32.68 -2.60 -10.37
C ASP A 183 -31.42 -2.56 -9.53
N ILE A 184 -31.53 -2.00 -8.34
CA ILE A 184 -30.38 -1.92 -7.46
C ILE A 184 -30.55 -2.92 -6.33
N VAL A 185 -29.60 -3.83 -6.17
CA VAL A 185 -29.66 -4.80 -5.09
C VAL A 185 -28.57 -4.50 -4.05
N TYR A 186 -28.94 -4.55 -2.78
CA TYR A 186 -28.00 -4.28 -1.71
C TYR A 186 -27.76 -5.54 -0.88
N LYS A 187 -26.69 -6.26 -1.17
CA LYS A 187 -26.35 -7.51 -0.50
C LYS A 187 -25.62 -7.24 0.79
N GLU A 188 -25.96 -7.99 1.84
CA GLU A 188 -25.30 -7.78 3.13
C GLU A 188 -24.05 -8.64 3.29
N GLU A 189 -22.96 -8.00 3.71
CA GLU A 189 -21.69 -8.69 3.90
C GLU A 189 -20.89 -7.88 4.89
N PRO A 190 -19.93 -8.53 5.57
CA PRO A 190 -19.11 -7.78 6.53
C PRO A 190 -17.90 -7.28 5.76
N TRP A 191 -17.29 -6.18 6.20
CA TRP A 191 -16.08 -5.67 5.54
C TRP A 191 -15.03 -5.29 6.56
N ALA A 192 -13.81 -5.79 6.33
CA ALA A 192 -12.70 -5.50 7.23
C ALA A 192 -11.47 -5.22 6.39
N GLY A 193 -10.51 -4.50 6.98
CA GLY A 193 -9.28 -4.20 6.27
C GLY A 193 -8.56 -3.01 6.84
N GLY A 194 -7.24 -3.10 6.90
CA GLY A 194 -6.41 -2.02 7.39
C GLY A 194 -6.54 -1.80 8.88
N GLY A 195 -7.22 -2.70 9.57
CA GLY A 195 -7.39 -2.56 11.00
C GLY A 195 -8.78 -2.11 11.45
N ASN A 196 -9.71 -2.03 10.49
CA ASN A 196 -11.08 -1.63 10.84
C ASN A 196 -12.11 -2.50 10.13
N ALA A 197 -13.36 -2.44 10.60
CA ALA A 197 -14.38 -3.24 9.97
C ALA A 197 -15.75 -2.69 10.29
N GLY A 198 -16.77 -3.37 9.76
CA GLY A 198 -18.14 -2.97 10.01
C GLY A 198 -19.08 -3.67 9.04
N PRO A 199 -20.39 -3.66 9.32
CA PRO A 199 -21.33 -4.31 8.39
C PRO A 199 -21.38 -3.43 7.14
N CYS A 200 -21.57 -4.03 5.99
CA CYS A 200 -21.60 -3.26 4.76
C CYS A 200 -22.68 -3.73 3.78
N LEU A 201 -22.96 -2.90 2.79
CA LEU A 201 -23.92 -3.23 1.76
C LEU A 201 -23.22 -3.14 0.41
N GLU A 202 -23.34 -4.20 -0.38
CA GLU A 202 -22.73 -4.19 -1.69
C GLU A 202 -23.82 -3.77 -2.68
N ALA A 203 -23.51 -2.77 -3.49
CA ALA A 203 -24.44 -2.27 -4.49
C ALA A 203 -24.25 -3.10 -5.76
N ILE A 204 -25.24 -3.95 -6.05
CA ILE A 204 -25.18 -4.83 -7.21
C ILE A 204 -26.19 -4.47 -8.28
N VAL A 205 -25.68 -4.09 -9.46
CA VAL A 205 -26.52 -3.74 -10.59
C VAL A 205 -26.03 -4.43 -11.86
N GLY A 206 -26.97 -5.07 -12.57
CA GLY A 206 -26.63 -5.76 -13.81
C GLY A 206 -25.71 -6.95 -13.60
N GLY A 207 -25.82 -7.58 -12.43
CA GLY A 207 -25.00 -8.73 -12.12
C GLY A 207 -23.56 -8.36 -11.74
N LEU A 208 -23.32 -7.09 -11.44
CA LEU A 208 -22.00 -6.61 -11.08
C LEU A 208 -21.99 -5.81 -9.79
N GLU A 209 -20.98 -6.02 -8.95
CA GLU A 209 -20.89 -5.25 -7.71
C GLU A 209 -20.11 -3.98 -8.11
N VAL A 210 -20.79 -2.84 -8.06
CA VAL A 210 -20.17 -1.58 -8.45
C VAL A 210 -19.72 -0.72 -7.29
N ALA A 211 -20.19 -1.00 -6.09
CA ALA A 211 -19.78 -0.22 -4.94
C ALA A 211 -20.08 -0.92 -3.66
N THR A 212 -19.43 -0.50 -2.58
CA THR A 212 -19.66 -1.10 -1.28
C THR A 212 -19.78 0.00 -0.28
N LEU A 213 -20.74 -0.16 0.64
CA LEU A 213 -20.99 0.84 1.65
C LEU A 213 -20.80 0.21 3.02
N VAL A 214 -19.77 0.65 3.72
CA VAL A 214 -19.44 0.11 5.03
C VAL A 214 -19.75 1.10 6.16
N PHE A 215 -20.39 0.62 7.22
CA PHE A 215 -20.68 1.47 8.35
C PHE A 215 -19.63 1.08 9.39
N MSE A 216 -18.48 1.74 9.27
CA MSE A 216 -17.34 1.46 10.14
C MSE A 216 -17.45 1.85 11.61
O MSE A 216 -17.35 3.01 11.97
CB MSE A 216 -16.11 2.10 9.51
CG MSE A 216 -14.78 1.62 10.03
SE MSE A 216 -13.36 2.30 8.86
CE MSE A 216 -13.19 0.79 7.65
N ASN A 217 -17.64 0.86 12.47
CA ASN A 217 -17.74 1.13 13.89
C ASN A 217 -16.96 0.07 14.66
N LEU A 218 -16.15 -0.68 13.93
CA LEU A 218 -15.34 -1.73 14.54
C LEU A 218 -13.87 -1.47 14.25
N GLU A 219 -13.01 -1.75 15.22
CA GLU A 219 -11.58 -1.59 15.04
C GLU A 219 -10.89 -2.84 15.57
N GLU A 220 -9.90 -3.32 14.84
CA GLU A 220 -9.16 -4.50 15.25
C GLU A 220 -8.47 -4.25 16.61
N HIS A 221 -8.77 -5.11 17.58
CA HIS A 221 -8.18 -4.98 18.91
C HIS A 221 -8.01 -6.37 19.50
N PRO A 222 -6.93 -6.59 20.26
CA PRO A 222 -6.66 -7.89 20.88
C PRO A 222 -7.89 -8.53 21.51
N GLU A 223 -8.57 -7.77 22.36
CA GLU A 223 -9.77 -8.25 23.04
C GLU A 223 -10.98 -8.18 22.12
N GLY A 224 -10.74 -8.36 20.83
CA GLY A 224 -11.81 -8.34 19.85
C GLY A 224 -13.08 -9.05 20.25
N ASP A 225 -14.21 -8.61 19.71
CA ASP A 225 -15.49 -9.21 20.01
C ASP A 225 -16.10 -9.85 18.78
N ILE A 226 -15.93 -9.19 17.63
CA ILE A 226 -16.47 -9.68 16.38
C ILE A 226 -15.40 -10.41 15.57
N GLU A 227 -15.79 -11.51 14.93
CA GLU A 227 -14.88 -12.31 14.13
C GLU A 227 -15.11 -12.04 12.65
N ILE A 228 -14.07 -11.54 11.95
CA ILE A 228 -14.22 -11.27 10.53
C ILE A 228 -12.97 -11.62 9.73
N LYS A 229 -12.99 -12.78 9.10
CA LYS A 229 -11.88 -13.26 8.29
C LYS A 229 -10.58 -13.45 9.06
N GLY A 230 -10.69 -14.10 10.21
CA GLY A 230 -9.52 -14.37 11.01
C GLY A 230 -9.20 -13.37 12.09
N ALA A 231 -9.63 -12.12 11.89
CA ALA A 231 -9.35 -11.08 12.87
C ALA A 231 -10.49 -10.80 13.84
N ARG A 232 -10.13 -10.23 14.98
CA ARG A 232 -11.08 -9.88 16.03
C ARG A 232 -11.27 -8.36 16.09
N TYR A 233 -12.52 -7.90 16.20
CA TYR A 233 -12.83 -6.47 16.27
C TYR A 233 -13.78 -6.10 17.40
N ARG A 234 -13.57 -4.92 17.98
CA ARG A 234 -14.43 -4.39 19.05
C ARG A 234 -15.05 -3.10 18.50
N LYS A 235 -16.12 -2.64 19.12
CA LYS A 235 -16.79 -1.43 18.67
C LYS A 235 -15.98 -0.21 19.10
N MSE A 236 -15.81 0.72 18.18
CA MSE A 236 -15.02 1.91 18.44
C MSE A 236 -15.88 2.99 19.06
O MSE A 236 -17.10 2.89 19.09
CB MSE A 236 -14.44 2.47 17.15
CG MSE A 236 -13.97 1.46 16.13
SE MSE A 236 -13.67 2.34 14.43
CE MSE A 236 -12.34 3.57 15.07
N ASP A 237 -15.22 4.04 19.53
CA ASP A 237 -15.91 5.17 20.11
C ASP A 237 -16.40 6.00 18.91
N ASN A 238 -15.59 6.05 17.85
CA ASN A 238 -15.94 6.80 16.65
C ASN A 238 -16.58 5.84 15.69
N TYR A 239 -17.26 6.38 14.67
CA TYR A 239 -17.87 5.55 13.64
C TYR A 239 -17.68 6.30 12.33
N ILE A 240 -17.47 5.57 11.25
CA ILE A 240 -17.16 6.22 9.98
C ILE A 240 -17.88 5.68 8.76
N VAL A 241 -18.28 6.58 7.89
CA VAL A 241 -18.90 6.14 6.65
C VAL A 241 -17.72 5.78 5.75
N ASP A 242 -17.67 4.53 5.31
CA ASP A 242 -16.58 4.04 4.46
C ASP A 242 -17.16 3.44 3.19
N THR A 243 -17.13 4.23 2.12
CA THR A 243 -17.69 3.79 0.85
C THR A 243 -16.60 3.63 -0.22
N GLY A 244 -16.93 2.92 -1.28
CA GLY A 244 -15.97 2.73 -2.36
C GLY A 244 -16.70 2.31 -3.62
N TYR A 245 -16.61 3.15 -4.65
CA TYR A 245 -17.26 2.88 -5.93
C TYR A 245 -16.15 2.68 -6.92
N GLY A 246 -16.18 1.54 -7.60
CA GLY A 246 -15.16 1.25 -8.59
C GLY A 246 -15.36 2.04 -9.87
N LEU A 247 -14.51 3.06 -10.08
CA LEU A 247 -14.57 3.92 -11.26
C LEU A 247 -14.64 3.10 -12.56
N GLU A 248 -13.69 2.18 -12.72
CA GLU A 248 -13.64 1.33 -13.92
C GLU A 248 -14.92 0.48 -14.06
N ARG A 249 -15.49 0.05 -12.95
CA ARG A 249 -16.72 -0.73 -13.04
C ARG A 249 -17.89 0.15 -13.51
N PHE A 250 -17.91 1.40 -13.05
CA PHE A 250 -18.95 2.35 -13.42
C PHE A 250 -18.82 2.64 -14.91
N VAL A 251 -17.60 2.88 -15.38
CA VAL A 251 -17.39 3.16 -16.80
C VAL A 251 -17.82 1.96 -17.65
N TRP A 252 -17.42 0.78 -17.21
CA TRP A 252 -17.74 -0.45 -17.90
C TRP A 252 -19.25 -0.64 -17.99
N ALA A 253 -19.94 -0.34 -16.91
CA ALA A 253 -21.40 -0.48 -16.87
C ALA A 253 -22.04 0.63 -17.69
N SER A 254 -21.24 1.56 -18.18
CA SER A 254 -21.77 2.68 -18.95
C SER A 254 -21.55 2.48 -20.43
N LYS A 255 -20.65 1.55 -20.76
CA LYS A 255 -20.33 1.29 -22.15
C LYS A 255 -20.88 -0.07 -22.59
N GLY A 256 -20.93 -1.00 -21.65
CA GLY A 256 -21.44 -2.31 -21.99
C GLY A 256 -20.50 -3.15 -22.84
N THR A 257 -19.21 -2.81 -22.86
CA THR A 257 -18.21 -3.58 -23.60
C THR A 257 -18.14 -4.97 -22.95
N PRO A 258 -17.50 -5.93 -23.62
CA PRO A 258 -17.38 -7.29 -23.09
C PRO A 258 -16.71 -7.39 -21.71
N THR A 259 -15.72 -6.55 -21.45
CA THR A 259 -15.03 -6.59 -20.16
C THR A 259 -14.63 -5.19 -19.71
N VAL A 260 -14.26 -5.05 -18.44
CA VAL A 260 -13.83 -3.76 -17.90
C VAL A 260 -12.56 -3.31 -18.63
N TYR A 261 -11.77 -4.27 -19.07
CA TYR A 261 -10.50 -4.00 -19.77
C TYR A 261 -10.73 -3.28 -21.09
N ASP A 262 -11.78 -3.68 -21.82
CA ASP A 262 -12.12 -3.06 -23.10
C ASP A 262 -12.77 -1.70 -22.86
N ALA A 263 -13.15 -1.44 -21.61
CA ALA A 263 -13.77 -0.16 -21.27
C ALA A 263 -12.81 0.91 -20.78
N ILE A 264 -11.70 0.53 -20.15
CA ILE A 264 -10.76 1.51 -19.62
C ILE A 264 -9.41 1.69 -20.34
N PHE A 265 -8.99 0.69 -21.10
CA PHE A 265 -7.76 0.83 -21.85
C PHE A 265 -7.76 -0.04 -23.07
N PRO A 266 -8.76 0.15 -23.94
CA PRO A 266 -8.94 -0.59 -25.19
C PRO A 266 -7.72 -0.49 -26.08
N GLU A 267 -7.08 0.68 -26.11
CA GLU A 267 -5.88 0.88 -26.95
C GLU A 267 -4.82 -0.16 -26.57
N VAL A 268 -4.55 -0.28 -25.27
CA VAL A 268 -3.57 -1.23 -24.76
C VAL A 268 -3.95 -2.67 -25.13
N VAL A 269 -5.20 -3.08 -24.88
CA VAL A 269 -5.60 -4.43 -25.23
C VAL A 269 -5.45 -4.67 -26.75
N ASP A 270 -5.85 -3.71 -27.57
CA ASP A 270 -5.72 -3.87 -29.01
C ASP A 270 -4.25 -3.98 -29.43
N THR A 271 -3.42 -3.04 -28.97
CA THR A 271 -2.01 -3.03 -29.31
C THR A 271 -1.36 -4.38 -28.96
N ILE A 272 -1.63 -4.88 -27.77
CA ILE A 272 -1.07 -6.14 -27.36
C ILE A 272 -1.47 -7.20 -28.37
N ILE A 273 -2.77 -7.27 -28.65
CA ILE A 273 -3.28 -8.24 -29.59
C ILE A 273 -2.59 -8.12 -30.95
N ASP A 274 -2.60 -6.91 -31.51
CA ASP A 274 -1.98 -6.67 -32.79
C ASP A 274 -0.49 -7.04 -32.85
N ASN A 275 0.19 -7.06 -31.71
CA ASN A 275 1.62 -7.39 -31.72
C ASN A 275 1.96 -8.64 -30.94
N SER A 276 1.11 -9.65 -31.04
CA SER A 276 1.35 -10.91 -30.32
C SER A 276 1.08 -12.08 -31.24
N ASN A 277 1.15 -13.29 -30.69
CA ASN A 277 0.90 -14.51 -31.45
C ASN A 277 -0.58 -14.91 -31.39
N VAL A 278 -1.46 -13.97 -31.07
CA VAL A 278 -2.90 -14.26 -30.98
C VAL A 278 -3.36 -14.91 -32.28
N SER A 279 -4.03 -16.06 -32.15
CA SER A 279 -4.53 -16.83 -33.29
C SER A 279 -5.76 -16.27 -34.00
N PHE A 280 -6.47 -15.33 -33.36
CA PHE A 280 -7.67 -14.76 -33.97
C PHE A 280 -7.48 -13.31 -34.42
N ASN A 281 -8.56 -12.70 -34.89
CA ASN A 281 -8.50 -11.32 -35.34
C ASN A 281 -9.57 -10.49 -34.64
N ARG A 282 -9.19 -9.32 -34.17
CA ARG A 282 -10.09 -8.40 -33.47
C ARG A 282 -11.00 -7.59 -34.40
N GLU A 283 -11.52 -8.26 -35.42
CA GLU A 283 -12.44 -7.65 -36.38
C GLU A 283 -13.44 -8.67 -36.86
N ASP A 284 -13.06 -9.94 -36.77
CA ASP A 284 -13.92 -11.04 -37.21
C ASP A 284 -15.23 -11.02 -36.43
N GLU A 285 -16.35 -11.05 -37.16
CA GLU A 285 -17.67 -11.04 -36.53
C GLU A 285 -17.85 -12.33 -35.74
N ARG A 286 -17.18 -13.39 -36.19
CA ARG A 286 -17.25 -14.69 -35.54
C ARG A 286 -16.68 -14.60 -34.13
N VAL A 287 -15.42 -14.16 -34.05
CA VAL A 287 -14.72 -14.02 -32.77
C VAL A 287 -15.49 -13.11 -31.83
N ARG A 288 -16.01 -12.01 -32.37
CA ARG A 288 -16.77 -11.05 -31.60
C ARG A 288 -17.99 -11.71 -30.95
N ARG A 289 -18.66 -12.60 -31.69
CA ARG A 289 -19.84 -13.29 -31.19
C ARG A 289 -19.49 -14.24 -30.06
N ILE A 290 -18.32 -14.88 -30.16
CA ILE A 290 -17.88 -15.82 -29.15
C ILE A 290 -17.53 -15.10 -27.85
N VAL A 291 -16.67 -14.10 -27.94
CA VAL A 291 -16.25 -13.34 -26.76
C VAL A 291 -17.42 -12.73 -26.00
N ALA A 292 -18.33 -12.12 -26.75
CA ALA A 292 -19.50 -11.49 -26.14
C ALA A 292 -20.28 -12.45 -25.26
N GLU A 293 -20.68 -13.59 -25.82
CA GLU A 293 -21.44 -14.58 -25.08
C GLU A 293 -20.64 -15.15 -23.92
N SER A 294 -19.33 -15.23 -24.10
CA SER A 294 -18.46 -15.76 -23.04
C SER A 294 -18.26 -14.70 -21.96
N SER A 295 -18.19 -13.44 -22.37
CA SER A 295 -18.00 -12.32 -21.46
C SER A 295 -19.14 -12.24 -20.46
N LYS A 296 -20.35 -12.52 -20.94
CA LYS A 296 -21.53 -12.47 -20.08
C LYS A 296 -21.45 -13.43 -18.92
N LEU A 297 -20.78 -14.57 -19.11
CA LEU A 297 -20.68 -15.55 -18.03
C LEU A 297 -19.34 -15.47 -17.30
N ALA A 298 -18.44 -14.60 -17.76
CA ALA A 298 -17.11 -14.46 -17.18
C ALA A 298 -17.16 -14.32 -15.66
N GLY A 299 -18.14 -13.59 -15.17
CA GLY A 299 -18.26 -13.40 -13.74
C GLY A 299 -18.52 -14.69 -12.97
N ILE A 300 -19.16 -15.65 -13.61
CA ILE A 300 -19.48 -16.91 -12.98
C ILE A 300 -18.33 -17.91 -13.06
N MSE A 301 -18.02 -18.34 -14.28
CA MSE A 301 -16.95 -19.30 -14.48
C MSE A 301 -15.58 -18.74 -14.14
O MSE A 301 -14.64 -19.49 -13.89
CB MSE A 301 -16.96 -19.82 -15.93
CG MSE A 301 -16.87 -18.76 -17.00
SE MSE A 301 -16.81 -19.51 -18.80
CE MSE A 301 -15.03 -18.95 -19.34
N GLY A 302 -15.47 -17.41 -14.13
CA GLY A 302 -14.19 -16.79 -13.79
C GLY A 302 -13.84 -17.01 -12.33
N GLU A 303 -14.86 -17.27 -11.51
CA GLU A 303 -14.65 -17.48 -10.07
C GLU A 303 -14.58 -18.96 -9.74
N LEU A 304 -14.26 -19.79 -10.73
CA LEU A 304 -14.17 -21.23 -10.55
C LEU A 304 -12.90 -21.81 -11.15
N ARG A 305 -12.43 -22.93 -10.59
CA ARG A 305 -11.23 -23.60 -11.09
C ARG A 305 -11.39 -25.11 -10.98
N GLY A 306 -10.79 -25.82 -11.92
CA GLY A 306 -10.87 -27.28 -11.92
C GLY A 306 -12.10 -27.80 -12.62
N GLU A 307 -12.82 -28.73 -11.98
CA GLU A 307 -14.02 -29.30 -12.57
C GLU A 307 -15.17 -28.28 -12.45
N ARG A 308 -14.96 -27.30 -11.57
CA ARG A 308 -15.95 -26.25 -11.34
C ARG A 308 -16.30 -25.53 -12.65
N LEU A 309 -15.45 -24.60 -13.05
CA LEU A 309 -15.66 -23.83 -14.26
C LEU A 309 -15.59 -24.71 -15.50
N ASN A 310 -15.14 -25.96 -15.30
CA ASN A 310 -15.03 -26.91 -16.40
C ASN A 310 -16.39 -27.16 -17.05
N GLN A 311 -17.43 -27.24 -16.24
CA GLN A 311 -18.78 -27.49 -16.75
C GLN A 311 -19.41 -26.26 -17.39
N LEU A 312 -19.25 -25.10 -16.77
CA LEU A 312 -19.82 -23.87 -17.33
C LEU A 312 -19.13 -23.60 -18.67
N ARG A 313 -17.87 -24.03 -18.76
CA ARG A 313 -17.10 -23.86 -19.99
C ARG A 313 -17.84 -24.58 -21.11
N LYS A 314 -18.53 -25.66 -20.74
CA LYS A 314 -19.29 -26.45 -21.69
C LYS A 314 -20.59 -25.74 -22.02
N SER A 315 -21.27 -25.26 -20.98
CA SER A 315 -22.53 -24.55 -21.14
C SER A 315 -22.45 -23.48 -22.20
N VAL A 316 -21.48 -22.59 -22.04
CA VAL A 316 -21.27 -21.49 -22.99
C VAL A 316 -20.80 -22.03 -24.34
N ALA A 317 -20.01 -23.09 -24.30
CA ALA A 317 -19.50 -23.70 -25.52
C ALA A 317 -20.65 -24.20 -26.39
N ASP A 318 -21.68 -24.74 -25.76
CA ASP A 318 -22.84 -25.23 -26.50
C ASP A 318 -23.65 -24.07 -27.07
N THR A 319 -24.19 -23.23 -26.17
CA THR A 319 -25.00 -22.07 -26.57
C THR A 319 -24.33 -21.30 -27.71
N VAL A 320 -23.05 -21.02 -27.55
CA VAL A 320 -22.31 -20.30 -28.58
C VAL A 320 -22.38 -21.06 -29.90
N GLY A 321 -21.81 -22.26 -29.91
CA GLY A 321 -21.82 -23.04 -31.13
C GLY A 321 -20.65 -24.00 -31.27
N VAL A 322 -19.44 -23.47 -31.35
CA VAL A 322 -18.24 -24.30 -31.51
C VAL A 322 -17.99 -25.17 -30.27
N SER A 323 -16.88 -25.90 -30.26
CA SER A 323 -16.56 -26.77 -29.14
C SER A 323 -15.80 -26.04 -28.02
N VAL A 324 -15.65 -26.73 -26.89
CA VAL A 324 -14.97 -26.19 -25.73
C VAL A 324 -13.55 -25.77 -26.09
N GLU A 325 -12.90 -26.57 -26.93
CA GLU A 325 -11.54 -26.30 -27.38
C GLU A 325 -11.44 -24.99 -28.15
N GLU A 326 -12.35 -24.76 -29.10
CA GLU A 326 -12.32 -23.52 -29.87
C GLU A 326 -12.56 -22.32 -28.94
N LEU A 327 -13.49 -22.49 -28.02
CA LEU A 327 -13.81 -21.46 -27.04
C LEU A 327 -12.52 -21.08 -26.31
N GLU A 328 -11.82 -22.08 -25.80
CA GLU A 328 -10.56 -21.87 -25.09
C GLU A 328 -9.45 -21.38 -26.03
N GLY A 329 -9.72 -21.43 -27.32
CA GLY A 329 -8.75 -20.99 -28.31
C GLY A 329 -8.70 -19.49 -28.39
N ILE A 330 -9.67 -18.86 -27.75
CA ILE A 330 -9.74 -17.40 -27.73
C ILE A 330 -9.75 -16.88 -26.31
N VAL A 331 -10.57 -17.47 -25.44
CA VAL A 331 -10.67 -17.01 -24.08
C VAL A 331 -9.35 -17.03 -23.32
N VAL A 332 -8.62 -18.15 -23.42
CA VAL A 332 -7.35 -18.32 -22.73
C VAL A 332 -6.31 -17.31 -23.21
N PRO A 333 -6.16 -17.14 -24.52
CA PRO A 333 -5.17 -16.16 -24.95
C PRO A 333 -5.59 -14.76 -24.51
N LEU A 334 -6.90 -14.50 -24.56
CA LEU A 334 -7.40 -13.20 -24.12
C LEU A 334 -7.16 -12.96 -22.65
N GLU A 335 -7.29 -14.01 -21.82
CA GLU A 335 -7.09 -13.88 -20.38
C GLU A 335 -5.70 -13.34 -20.09
N LYS A 336 -4.77 -13.64 -21.01
CA LYS A 336 -3.39 -13.17 -20.89
C LYS A 336 -3.23 -11.76 -21.47
N VAL A 337 -3.97 -11.45 -22.51
CA VAL A 337 -3.90 -10.10 -23.02
C VAL A 337 -4.44 -9.13 -21.96
N TYR A 338 -5.56 -9.50 -21.33
CA TYR A 338 -6.18 -8.66 -20.31
C TYR A 338 -5.30 -8.48 -19.08
N SER A 339 -4.63 -9.54 -18.67
CA SER A 339 -3.73 -9.53 -17.51
C SER A 339 -2.52 -8.62 -17.75
N LEU A 340 -1.89 -8.77 -18.91
CA LEU A 340 -0.74 -7.95 -19.29
C LEU A 340 -1.19 -6.49 -19.36
N ALA A 341 -2.34 -6.25 -19.95
CA ALA A 341 -2.80 -4.88 -20.06
C ALA A 341 -2.98 -4.33 -18.67
N ASP A 342 -3.59 -5.12 -17.80
CA ASP A 342 -3.83 -4.66 -16.44
C ASP A 342 -2.55 -4.48 -15.67
N HIS A 343 -1.70 -5.50 -15.70
CA HIS A 343 -0.45 -5.48 -14.98
C HIS A 343 0.50 -4.33 -15.35
N THR A 344 0.55 -3.96 -16.62
CA THR A 344 1.43 -2.87 -17.02
C THR A 344 0.88 -1.57 -16.46
N ARG A 345 -0.43 -1.53 -16.22
CA ARG A 345 -1.01 -0.33 -15.65
C ARG A 345 -0.68 -0.24 -14.14
N CYS A 346 -0.66 -1.39 -13.47
CA CYS A 346 -0.38 -1.43 -12.04
C CYS A 346 1.08 -1.06 -11.83
N ILE A 347 1.93 -1.40 -12.82
CA ILE A 347 3.36 -1.08 -12.79
C ILE A 347 3.53 0.45 -12.94
N LEU A 348 2.71 1.07 -13.78
CA LEU A 348 2.76 2.51 -13.96
C LEU A 348 2.70 3.22 -12.60
N PHE A 349 1.73 2.81 -11.78
CA PHE A 349 1.52 3.41 -10.47
C PHE A 349 2.54 3.00 -9.42
N MSE A 350 2.91 1.71 -9.38
CA MSE A 350 3.88 1.26 -8.39
C MSE A 350 5.20 1.98 -8.61
O MSE A 350 5.82 2.49 -7.68
CB MSE A 350 4.13 -0.23 -8.50
CG MSE A 350 2.95 -1.11 -8.15
SE MSE A 350 3.40 -2.96 -8.51
CE MSE A 350 2.81 -3.70 -6.80
N LEU A 351 5.65 1.96 -9.85
CA LEU A 351 6.92 2.58 -10.22
C LEU A 351 6.82 4.10 -10.19
N GLY A 352 5.72 4.65 -10.74
CA GLY A 352 5.54 6.09 -10.77
C GLY A 352 5.45 6.66 -9.36
N ASP A 353 4.98 5.84 -8.41
CA ASP A 353 4.84 6.28 -7.03
C ASP A 353 6.06 6.00 -6.16
N GLY A 354 7.15 5.57 -6.76
CA GLY A 354 8.32 5.40 -5.94
C GLY A 354 8.82 4.04 -5.54
N LEU A 355 8.14 2.99 -5.93
CA LEU A 355 8.58 1.64 -5.59
C LEU A 355 9.78 1.24 -6.45
N VAL A 356 10.73 0.59 -5.80
CA VAL A 356 11.92 0.11 -6.43
C VAL A 356 11.93 -1.41 -6.25
N PRO A 357 12.05 -2.13 -7.37
CA PRO A 357 12.06 -3.60 -7.33
C PRO A 357 13.13 -4.21 -6.41
N SER A 358 12.73 -5.20 -5.63
CA SER A 358 13.71 -5.87 -4.78
C SER A 358 13.16 -7.21 -4.39
N ASN A 359 13.85 -7.90 -3.50
CA ASN A 359 13.38 -9.19 -3.04
C ASN A 359 12.78 -9.07 -1.66
N ALA A 360 12.64 -7.84 -1.19
CA ALA A 360 12.10 -7.56 0.14
C ALA A 360 11.10 -6.40 0.18
N GLY A 361 10.35 -6.30 1.26
CA GLY A 361 9.37 -5.23 1.40
C GLY A 361 8.47 -5.00 0.21
N ALA A 362 7.92 -3.79 0.12
CA ALA A 362 7.04 -3.39 -0.96
C ALA A 362 7.72 -3.62 -2.34
N GLY A 363 9.03 -3.41 -2.42
CA GLY A 363 9.77 -3.63 -3.66
C GLY A 363 9.53 -5.03 -4.25
N TYR A 364 9.36 -6.02 -3.36
CA TYR A 364 9.08 -7.40 -3.77
C TYR A 364 7.75 -7.49 -4.54
N LEU A 365 6.75 -6.70 -4.17
CA LEU A 365 5.47 -6.73 -4.86
C LEU A 365 5.65 -6.05 -6.21
N ALA A 366 6.56 -5.09 -6.30
CA ALA A 366 6.80 -4.40 -7.58
C ALA A 366 7.43 -5.40 -8.54
N ARG A 367 8.47 -6.08 -8.06
CA ARG A 367 9.18 -7.08 -8.83
C ARG A 367 8.26 -8.24 -9.17
N LEU A 368 7.32 -8.55 -8.29
CA LEU A 368 6.40 -9.65 -8.58
C LEU A 368 5.57 -9.32 -9.83
N MSE A 369 4.97 -8.15 -9.84
CA MSE A 369 4.19 -7.74 -10.97
C MSE A 369 4.96 -7.68 -12.27
O MSE A 369 4.46 -8.04 -13.31
CB MSE A 369 3.54 -6.38 -10.69
CG MSE A 369 2.53 -6.45 -9.56
SE MSE A 369 1.19 -7.82 -9.90
CE MSE A 369 0.25 -6.90 -11.33
N ILE A 370 6.22 -7.22 -12.18
CA ILE A 370 7.02 -7.07 -13.38
C ILE A 370 7.42 -8.43 -13.93
N ARG A 371 7.84 -9.35 -13.07
CA ARG A 371 8.21 -10.65 -13.55
C ARG A 371 7.01 -11.34 -14.21
N ARG A 372 5.83 -11.23 -13.61
CA ARG A 372 4.67 -11.88 -14.18
C ARG A 372 4.36 -11.25 -15.54
N SER A 373 4.48 -9.93 -15.66
CA SER A 373 4.25 -9.22 -16.92
C SER A 373 5.27 -9.65 -17.99
N LEU A 374 6.52 -9.76 -17.59
CA LEU A 374 7.57 -10.20 -18.53
C LEU A 374 7.29 -11.63 -19.02
N ARG A 375 6.72 -12.44 -18.15
CA ARG A 375 6.39 -13.81 -18.51
C ARG A 375 5.18 -13.83 -19.47
N LEU A 376 4.17 -12.99 -19.21
CA LEU A 376 2.98 -12.88 -20.06
C LEU A 376 3.35 -12.35 -21.44
N ALA A 377 4.26 -11.38 -21.48
CA ALA A 377 4.71 -10.80 -22.74
C ALA A 377 5.43 -11.86 -23.55
N GLU A 378 6.15 -12.71 -22.85
CA GLU A 378 6.90 -13.78 -23.49
C GLU A 378 5.91 -14.80 -24.07
N GLU A 379 4.91 -15.21 -23.29
CA GLU A 379 3.95 -16.22 -23.78
C GLU A 379 3.23 -15.72 -25.01
N LEU A 380 2.97 -14.42 -25.07
CA LEU A 380 2.26 -13.84 -26.19
C LEU A 380 3.22 -13.40 -27.26
N GLU A 381 4.52 -13.51 -26.97
CA GLU A 381 5.56 -13.08 -27.91
C GLU A 381 5.30 -11.61 -28.25
N LEU A 382 4.99 -10.84 -27.23
CA LEU A 382 4.73 -9.42 -27.40
C LEU A 382 5.82 -8.75 -28.26
N GLY A 383 5.42 -8.01 -29.28
CA GLY A 383 6.38 -7.35 -30.15
C GLY A 383 6.81 -5.99 -29.64
N LEU A 384 6.36 -5.65 -28.44
CA LEU A 384 6.69 -4.37 -27.84
C LEU A 384 7.30 -4.67 -26.49
N ASP A 385 7.91 -3.66 -25.88
CA ASP A 385 8.49 -3.81 -24.54
C ASP A 385 7.41 -3.43 -23.52
N LEU A 386 7.55 -3.89 -22.28
CA LEU A 386 6.62 -3.54 -21.21
C LEU A 386 6.54 -2.01 -21.12
N TYR A 387 7.68 -1.34 -21.24
CA TYR A 387 7.71 0.12 -21.18
C TYR A 387 6.70 0.74 -22.14
N ASP A 388 6.71 0.30 -23.39
CA ASP A 388 5.79 0.83 -24.40
C ASP A 388 4.33 0.78 -23.94
N LEU A 389 3.96 -0.30 -23.24
CA LEU A 389 2.62 -0.47 -22.74
C LEU A 389 2.38 0.45 -21.55
N VAL A 390 3.41 0.65 -20.73
CA VAL A 390 3.27 1.51 -19.57
C VAL A 390 3.10 2.98 -19.99
N GLU A 391 3.87 3.40 -21.00
CA GLU A 391 3.81 4.77 -21.48
C GLU A 391 2.41 5.02 -22.06
N MSE A 392 1.87 4.01 -22.74
CA MSE A 392 0.54 4.13 -23.32
C MSE A 392 -0.50 4.31 -22.21
O MSE A 392 -1.40 5.16 -22.29
CB MSE A 392 0.25 2.87 -24.13
CG MSE A 392 -1.01 2.93 -24.97
SE MSE A 392 -1.01 1.51 -26.31
CE MSE A 392 0.61 1.99 -27.28
N HIS A 393 -0.37 3.51 -21.14
CA HIS A 393 -1.28 3.62 -20.00
C HIS A 393 -1.18 5.03 -19.44
N LYS A 394 0.04 5.55 -19.35
CA LYS A 394 0.28 6.89 -18.83
C LYS A 394 -0.42 8.01 -19.61
N LYS A 395 -0.38 7.97 -20.94
CA LYS A 395 -1.03 9.05 -21.67
C LYS A 395 -2.54 8.90 -21.68
N ILE A 396 -3.04 7.68 -21.52
CA ILE A 396 -4.48 7.48 -21.50
C ILE A 396 -5.07 8.11 -20.23
N LEU A 397 -4.44 7.87 -19.08
CA LEU A 397 -4.91 8.41 -17.82
C LEU A 397 -4.68 9.91 -17.66
N GLY A 398 -3.50 10.36 -18.08
CA GLY A 398 -3.17 11.77 -17.98
C GLY A 398 -2.67 12.14 -16.59
N PHE A 399 -2.29 11.14 -15.79
CA PHE A 399 -1.80 11.42 -14.44
C PHE A 399 -0.33 11.79 -14.45
N GLU A 400 0.11 12.49 -13.42
CA GLU A 400 1.50 12.90 -13.27
C GLU A 400 2.09 12.09 -12.11
N PHE A 401 3.33 11.65 -12.26
CA PHE A 401 4.00 10.86 -11.23
C PHE A 401 5.32 11.44 -10.67
N ASP A 402 5.64 11.09 -9.43
CA ASP A 402 6.91 11.50 -8.83
C ASP A 402 8.08 10.99 -9.67
N VAL A 403 7.96 9.75 -10.14
CA VAL A 403 9.01 9.15 -10.94
C VAL A 403 8.65 9.26 -12.41
N PRO A 404 9.50 9.92 -13.20
CA PRO A 404 9.29 10.12 -14.64
C PRO A 404 9.40 8.85 -15.46
N LEU A 405 8.76 8.83 -16.61
CA LEU A 405 8.77 7.67 -17.49
C LEU A 405 10.18 7.21 -17.85
N SER A 406 11.09 8.17 -17.84
CA SER A 406 12.49 7.93 -18.12
C SER A 406 13.09 6.87 -17.19
N THR A 407 12.89 7.05 -15.87
CA THR A 407 13.40 6.12 -14.86
C THR A 407 12.62 4.80 -14.95
N VAL A 408 11.32 4.90 -15.22
CA VAL A 408 10.51 3.70 -15.37
C VAL A 408 11.12 2.78 -16.43
N GLN A 409 11.46 3.35 -17.58
CA GLN A 409 12.07 2.60 -18.67
C GLN A 409 13.36 1.93 -18.20
N GLU A 410 14.20 2.68 -17.52
CA GLU A 410 15.46 2.17 -17.04
C GLU A 410 15.25 0.95 -16.10
N ILE A 411 14.30 1.07 -15.20
CA ILE A 411 14.00 -0.02 -14.30
C ILE A 411 13.52 -1.26 -15.03
N LEU A 412 12.56 -1.09 -15.93
CA LEU A 412 12.00 -2.23 -16.65
C LEU A 412 13.03 -2.88 -17.54
N GLU A 413 13.97 -2.09 -18.03
CA GLU A 413 14.99 -2.67 -18.87
C GLU A 413 15.93 -3.56 -18.06
N LEU A 414 16.29 -3.11 -16.85
CA LEU A 414 17.17 -3.89 -15.98
C LEU A 414 16.44 -5.14 -15.44
N GLU A 415 15.14 -5.01 -15.14
CA GLU A 415 14.39 -6.16 -14.66
C GLU A 415 14.31 -7.20 -15.76
N LYS A 416 14.10 -6.73 -17.00
CA LYS A 416 14.01 -7.62 -18.13
C LYS A 416 15.32 -8.40 -18.30
N GLU A 417 16.46 -7.75 -18.06
CA GLU A 417 17.74 -8.44 -18.19
C GLU A 417 17.93 -9.51 -17.09
N ARG A 418 17.51 -9.19 -15.88
CA ARG A 418 17.61 -10.11 -14.77
C ARG A 418 16.71 -11.31 -15.02
N TYR A 419 15.54 -11.04 -15.60
CA TYR A 419 14.56 -12.07 -15.89
C TYR A 419 15.09 -13.03 -16.93
N ARG A 420 15.78 -12.47 -17.92
CA ARG A 420 16.36 -13.28 -19.00
C ARG A 420 17.32 -14.34 -18.42
N THR A 421 18.18 -13.93 -17.52
CA THR A 421 19.15 -14.83 -16.91
C THR A 421 18.44 -15.81 -15.96
N THR A 422 17.40 -15.33 -15.31
CA THR A 422 16.66 -16.17 -14.39
C THR A 422 16.07 -17.35 -15.13
N VAL A 423 15.35 -17.05 -16.22
CA VAL A 423 14.69 -18.08 -17.02
C VAL A 423 15.64 -19.07 -17.68
N SER A 424 16.73 -18.57 -18.27
CA SER A 424 17.68 -19.43 -18.94
C SER A 424 18.07 -20.63 -18.06
N LYS A 425 18.76 -20.36 -16.96
CA LYS A 425 19.18 -21.41 -16.04
C LYS A 425 18.01 -21.89 -15.21
N GLY A 426 16.89 -21.19 -15.31
CA GLY A 426 15.73 -21.60 -14.54
C GLY A 426 15.01 -22.78 -15.17
N THR A 427 15.01 -22.85 -16.48
CA THR A 427 14.35 -23.95 -17.17
C THR A 427 14.99 -25.29 -16.81
N ARG A 428 16.31 -25.34 -16.89
CA ARG A 428 17.08 -26.54 -16.57
C ARG A 428 16.83 -26.95 -15.13
N LEU A 429 16.88 -25.98 -14.24
CA LEU A 429 16.68 -26.24 -12.83
C LEU A 429 15.37 -26.97 -12.56
N VAL A 430 14.30 -26.56 -13.24
CA VAL A 430 13.01 -27.19 -13.04
C VAL A 430 12.94 -28.54 -13.74
N GLU A 431 13.60 -28.66 -14.89
CA GLU A 431 13.61 -29.93 -15.60
C GLU A 431 14.34 -30.96 -14.72
N ARG A 432 15.38 -30.50 -14.04
CA ARG A 432 16.16 -31.35 -13.16
C ARG A 432 15.32 -31.80 -11.96
N LEU A 433 14.63 -30.86 -11.32
CA LEU A 433 13.77 -31.15 -10.17
C LEU A 433 12.68 -32.18 -10.52
N VAL A 434 12.20 -32.14 -11.77
CA VAL A 434 11.16 -33.06 -12.22
C VAL A 434 11.71 -34.49 -12.30
N GLU A 435 12.98 -34.63 -12.68
CA GLU A 435 13.59 -35.95 -12.76
C GLU A 435 13.77 -36.50 -11.35
N ARG A 436 13.88 -35.60 -10.36
CA ARG A 436 14.07 -35.97 -8.97
C ARG A 436 12.80 -36.19 -8.17
N LYS A 437 11.88 -35.23 -8.23
CA LYS A 437 10.65 -35.33 -7.44
C LYS A 437 9.42 -35.84 -8.21
N LYS A 438 9.34 -35.55 -9.51
CA LYS A 438 8.22 -36.00 -10.32
C LYS A 438 6.82 -35.55 -9.85
N LYS A 439 6.76 -34.84 -8.72
CA LYS A 439 5.50 -34.33 -8.18
C LYS A 439 5.79 -33.02 -7.44
N LEU A 440 5.41 -31.89 -8.05
CA LEU A 440 5.64 -30.57 -7.44
C LEU A 440 4.44 -30.06 -6.63
N GLU A 441 4.72 -29.72 -5.37
CA GLU A 441 3.70 -29.20 -4.44
C GLU A 441 3.63 -27.66 -4.45
N LYS A 442 2.65 -27.13 -3.74
CA LYS A 442 2.46 -25.69 -3.63
C LYS A 442 3.73 -25.04 -3.07
N ASP A 443 4.23 -25.59 -1.97
CA ASP A 443 5.44 -25.06 -1.35
C ASP A 443 6.67 -25.23 -2.23
N ASP A 444 6.59 -26.13 -3.20
CA ASP A 444 7.70 -26.35 -4.12
C ASP A 444 7.75 -25.18 -5.09
N LEU A 445 6.59 -24.78 -5.58
CA LEU A 445 6.51 -23.70 -6.55
C LEU A 445 6.85 -22.38 -5.86
N ILE A 446 6.60 -22.33 -4.56
CA ILE A 446 6.87 -21.13 -3.78
C ILE A 446 8.37 -20.89 -3.71
N GLU A 447 9.07 -21.92 -3.23
CA GLU A 447 10.52 -21.89 -3.05
C GLU A 447 11.26 -21.55 -4.36
N LEU A 448 10.73 -22.03 -5.48
CA LEU A 448 11.32 -21.77 -6.79
C LEU A 448 11.20 -20.30 -7.17
N TYR A 449 10.06 -19.70 -6.82
CA TYR A 449 9.89 -18.29 -7.16
C TYR A 449 10.78 -17.44 -6.29
N ASP A 450 10.70 -17.67 -4.99
CA ASP A 450 11.46 -16.89 -4.04
C ASP A 450 12.98 -17.09 -4.07
N SER A 451 13.44 -18.30 -4.33
CA SER A 451 14.87 -18.57 -4.34
C SER A 451 15.51 -18.48 -5.71
N HIS A 452 14.71 -18.55 -6.77
CA HIS A 452 15.30 -18.49 -8.10
C HIS A 452 14.55 -17.56 -9.04
N GLY A 453 13.59 -16.84 -8.48
CA GLY A 453 12.79 -15.91 -9.26
C GLY A 453 12.08 -16.51 -10.46
N ILE A 454 11.76 -17.80 -10.35
CA ILE A 454 11.08 -18.51 -11.42
C ILE A 454 9.56 -18.30 -11.33
N PRO A 455 8.95 -17.71 -12.37
CA PRO A 455 7.50 -17.47 -12.39
C PRO A 455 6.78 -18.81 -12.21
N VAL A 456 5.82 -18.86 -11.28
CA VAL A 456 5.06 -20.07 -11.01
C VAL A 456 4.55 -20.81 -12.26
N GLU A 457 3.92 -20.07 -13.18
CA GLU A 457 3.39 -20.66 -14.40
C GLU A 457 4.49 -21.12 -15.35
N LEU A 458 5.70 -20.67 -15.11
CA LEU A 458 6.82 -21.06 -15.94
C LEU A 458 7.33 -22.40 -15.43
N ALA A 459 7.20 -22.62 -14.13
CA ALA A 459 7.64 -23.86 -13.52
C ALA A 459 6.54 -24.94 -13.61
N VAL A 460 5.28 -24.54 -13.45
CA VAL A 460 4.17 -25.48 -13.53
C VAL A 460 4.02 -26.03 -14.96
N GLY A 461 4.44 -25.23 -15.95
CA GLY A 461 4.36 -25.66 -17.33
C GLY A 461 5.44 -26.67 -17.68
N ILE A 462 6.70 -26.32 -17.42
CA ILE A 462 7.84 -27.20 -17.69
C ILE A 462 7.63 -28.55 -17.00
N ALA A 463 7.06 -28.51 -15.80
CA ALA A 463 6.80 -29.72 -15.03
C ALA A 463 5.82 -30.62 -15.79
N ALA A 464 4.67 -30.05 -16.17
CA ALA A 464 3.66 -30.80 -16.91
C ALA A 464 4.23 -31.19 -18.27
N GLU A 465 5.08 -30.35 -18.82
CA GLU A 465 5.71 -30.62 -20.11
C GLU A 465 6.46 -31.95 -20.07
N LYS A 466 7.05 -32.27 -18.92
CA LYS A 466 7.81 -33.50 -18.72
C LYS A 466 6.96 -34.56 -18.02
N GLY A 467 5.64 -34.45 -18.18
CA GLY A 467 4.72 -35.39 -17.58
C GLY A 467 4.87 -35.53 -16.08
N ALA A 468 5.00 -34.41 -15.39
CA ALA A 468 5.14 -34.40 -13.95
C ALA A 468 3.81 -34.08 -13.28
N GLU A 469 3.62 -34.59 -12.07
CA GLU A 469 2.40 -34.35 -11.32
C GLU A 469 2.42 -32.97 -10.67
N VAL A 470 1.61 -32.06 -11.22
CA VAL A 470 1.53 -30.70 -10.72
C VAL A 470 0.32 -29.98 -11.31
N GLU A 471 -0.21 -29.01 -10.56
CA GLU A 471 -1.36 -28.24 -10.99
C GLU A 471 -1.39 -26.86 -10.34
N MSE A 472 -1.62 -25.84 -11.17
CA MSE A 472 -1.67 -24.45 -10.72
C MSE A 472 -2.50 -24.26 -9.45
O MSE A 472 -3.72 -24.39 -9.48
CB MSE A 472 -2.23 -23.56 -11.82
CG MSE A 472 -2.13 -22.08 -11.51
SE MSE A 472 -0.28 -21.52 -11.45
CE MSE A 472 -0.27 -20.28 -12.94
N PRO A 473 -1.84 -23.96 -8.32
CA PRO A 473 -2.51 -23.75 -7.03
C PRO A 473 -3.35 -22.47 -6.97
N LYS A 474 -4.38 -22.51 -6.12
CA LYS A 474 -5.29 -21.38 -5.95
C LYS A 474 -4.59 -20.19 -5.30
N ASP A 475 -4.78 -19.03 -5.91
CA ASP A 475 -4.18 -17.80 -5.41
C ASP A 475 -2.73 -17.96 -5.04
N ILE A 476 -1.96 -18.66 -5.86
CA ILE A 476 -0.56 -18.82 -5.53
C ILE A 476 0.13 -17.45 -5.49
N TYR A 477 -0.19 -16.58 -6.45
CA TYR A 477 0.42 -15.26 -6.48
C TYR A 477 -0.11 -14.45 -5.33
N ALA A 478 -1.40 -14.58 -5.08
CA ALA A 478 -2.00 -13.86 -3.97
C ALA A 478 -1.33 -14.40 -2.70
N GLU A 479 -0.98 -15.69 -2.71
CA GLU A 479 -0.33 -16.35 -1.58
C GLU A 479 1.09 -15.79 -1.42
N LEU A 480 1.80 -15.67 -2.54
CA LEU A 480 3.14 -15.12 -2.52
C LEU A 480 3.01 -13.65 -2.11
N ALA A 481 2.04 -12.98 -2.71
CA ALA A 481 1.84 -11.56 -2.41
C ALA A 481 1.43 -11.36 -0.96
N LYS A 482 0.54 -12.23 -0.48
CA LYS A 482 0.05 -12.13 0.89
C LYS A 482 1.21 -12.28 1.89
N ARG A 483 2.19 -13.09 1.52
CA ARG A 483 3.34 -13.33 2.38
C ARG A 483 4.22 -12.10 2.36
N HIS A 484 3.86 -11.11 1.55
CA HIS A 484 4.65 -9.88 1.45
C HIS A 484 3.74 -8.67 1.28
N SER A 485 2.65 -8.61 2.04
CA SER A 485 1.70 -7.51 1.94
C SER A 485 1.84 -6.46 3.04
N LYS A 486 2.37 -6.88 4.18
CA LYS A 486 2.53 -5.96 5.30
C LYS A 486 3.94 -6.02 5.89
N ALA A 487 4.24 -5.08 6.78
CA ALA A 487 5.55 -5.03 7.42
C ALA A 487 5.74 -6.19 8.37
N GLU A 488 6.88 -6.87 8.26
CA GLU A 488 7.20 -8.00 9.12
C GLU A 488 7.18 -7.62 10.59
N LYS A 489 7.15 -8.62 11.45
CA LYS A 489 7.12 -8.36 12.89
C LYS A 489 8.55 -8.14 13.39
N VAL A 490 8.86 -6.89 13.72
CA VAL A 490 10.18 -6.54 14.24
C VAL A 490 10.18 -6.80 15.74
N GLN A 491 10.97 -7.80 16.15
CA GLN A 491 11.04 -8.18 17.56
C GLN A 491 11.74 -7.17 18.46
N GLU A 492 12.20 -6.06 17.88
CA GLU A 492 12.84 -5.01 18.69
C GLU A 492 11.68 -4.46 19.51
N LYS A 493 11.43 -5.02 20.68
CA LYS A 493 10.30 -4.55 21.48
C LYS A 493 10.41 -4.08 22.92
N LYS A 494 9.31 -3.46 23.34
CA LYS A 494 9.06 -2.85 24.63
C LYS A 494 9.76 -3.34 25.90
N ILE A 495 10.04 -2.38 26.77
CA ILE A 495 10.66 -2.61 28.07
C ILE A 495 9.59 -2.13 29.05
N THR A 496 9.26 -2.95 30.04
CA THR A 496 8.24 -2.57 31.00
C THR A 496 8.79 -2.44 32.42
N LEU A 497 9.02 -1.20 32.83
CA LEU A 497 9.52 -0.91 34.16
C LEU A 497 8.51 -1.45 35.15
N GLN A 498 8.99 -2.02 36.25
CA GLN A 498 8.08 -2.55 37.25
C GLN A 498 7.21 -1.46 37.89
N ASN A 499 7.69 -0.22 37.86
CA ASN A 499 6.94 0.89 38.43
C ASN A 499 6.54 1.93 37.40
N GLU A 500 5.42 2.60 37.66
CA GLU A 500 4.91 3.63 36.77
C GLU A 500 5.55 4.98 37.12
N TYR A 501 6.10 5.64 36.12
CA TYR A 501 6.74 6.93 36.34
C TYR A 501 6.13 7.96 35.39
N PRO A 502 6.28 9.26 35.73
CA PRO A 502 5.75 10.31 34.87
C PRO A 502 6.71 10.51 33.68
N ALA A 503 6.17 10.54 32.46
CA ALA A 503 6.99 10.72 31.26
C ALA A 503 8.16 11.69 31.48
N THR A 504 9.37 11.25 31.22
CA THR A 504 10.57 12.08 31.41
C THR A 504 10.48 13.38 30.63
N GLU A 505 10.93 14.48 31.22
CA GLU A 505 10.88 15.76 30.51
C GLU A 505 12.11 15.83 29.61
N LYS A 506 11.96 15.44 28.36
CA LYS A 506 13.06 15.45 27.42
C LYS A 506 13.44 16.89 27.12
N LEU A 507 14.70 17.22 27.41
CA LEU A 507 15.19 18.57 27.25
C LEU A 507 15.97 18.80 25.96
N TYR A 508 16.37 17.72 25.30
CA TYR A 508 17.15 17.84 24.08
C TYR A 508 16.36 18.29 22.87
N TYR A 509 15.04 18.15 22.90
CA TYR A 509 14.22 18.60 21.77
C TYR A 509 14.43 20.07 21.42
N ASP A 510 14.27 20.96 22.39
CA ASP A 510 14.41 22.39 22.17
C ASP A 510 15.83 22.88 21.94
N ASP A 511 16.79 22.44 22.77
CA ASP A 511 18.17 22.88 22.60
C ASP A 511 19.15 21.71 22.47
N PRO A 512 19.72 21.54 21.27
CA PRO A 512 20.68 20.47 21.00
C PRO A 512 22.05 20.62 21.69
N THR A 513 22.34 21.82 22.18
CA THR A 513 23.62 22.06 22.83
C THR A 513 23.52 22.12 24.36
N LEU A 514 22.33 21.85 24.88
CA LEU A 514 22.12 21.84 26.32
C LEU A 514 22.77 20.59 26.85
N LEU A 515 24.06 20.67 27.16
CA LEU A 515 24.78 19.52 27.67
C LEU A 515 24.70 19.41 29.18
N GLU A 516 24.31 20.50 29.84
CA GLU A 516 24.19 20.49 31.29
C GLU A 516 22.78 20.86 31.74
N PHE A 517 22.30 20.18 32.76
CA PHE A 517 20.96 20.43 33.29
C PHE A 517 20.89 20.01 34.75
N GLU A 518 19.78 20.35 35.40
CA GLU A 518 19.57 20.00 36.80
C GLU A 518 18.33 19.13 36.87
N ALA A 519 18.45 18.01 37.56
CA ALA A 519 17.33 17.09 37.71
C ALA A 519 17.36 16.37 39.05
N GLU A 520 16.29 15.63 39.32
CA GLU A 520 16.18 14.88 40.56
C GLU A 520 15.88 13.42 40.24
N VAL A 521 16.59 12.54 40.94
CA VAL A 521 16.42 11.10 40.78
C VAL A 521 15.04 10.69 41.31
N ILE A 522 14.11 10.43 40.40
CA ILE A 522 12.76 10.05 40.80
C ILE A 522 12.53 8.54 40.70
N GLY A 523 13.60 7.78 40.73
CA GLY A 523 13.45 6.34 40.64
C GLY A 523 14.74 5.65 40.21
N VAL A 524 14.95 4.44 40.69
CA VAL A 524 16.13 3.66 40.36
C VAL A 524 15.82 2.16 40.26
N GLU A 525 15.88 1.63 39.05
CA GLU A 525 15.64 0.19 38.83
C GLU A 525 16.87 -0.45 38.17
N GLY A 526 17.54 -1.34 38.92
CA GLY A 526 18.73 -2.01 38.42
C GLY A 526 19.80 -0.97 38.10
N ASP A 527 20.06 -0.79 36.82
CA ASP A 527 21.06 0.20 36.37
C ASP A 527 20.32 1.41 35.82
N PHE A 528 19.01 1.29 35.73
CA PHE A 528 18.19 2.38 35.22
C PHE A 528 17.95 3.54 36.19
N VAL A 529 18.81 4.56 36.15
CA VAL A 529 18.63 5.74 37.00
C VAL A 529 17.57 6.60 36.29
N ILE A 530 16.52 6.99 37.00
CA ILE A 530 15.45 7.78 36.38
C ILE A 530 15.32 9.15 37.00
N LEU A 531 15.29 10.17 36.16
CA LEU A 531 15.17 11.55 36.62
C LEU A 531 13.83 12.10 36.19
N ASN A 532 13.55 13.34 36.59
CA ASN A 532 12.29 13.99 36.22
C ASN A 532 12.44 14.64 34.85
N ARG A 533 13.63 15.15 34.58
CA ARG A 533 13.94 15.79 33.31
C ARG A 533 15.41 15.53 32.96
N SER A 534 15.71 15.40 31.67
CA SER A 534 17.08 15.11 31.29
C SER A 534 17.39 15.47 29.85
N ALA A 535 18.64 15.83 29.61
CA ALA A 535 19.13 16.19 28.27
C ALA A 535 19.72 14.97 27.58
N PHE A 536 19.87 13.87 28.31
CA PHE A 536 20.45 12.67 27.73
C PHE A 536 19.55 12.12 26.66
N TYR A 537 20.13 11.88 25.48
CA TYR A 537 19.36 11.35 24.35
C TYR A 537 19.35 9.84 24.43
N PRO A 538 18.16 9.23 24.36
CA PRO A 538 18.04 7.77 24.41
C PRO A 538 18.32 7.17 23.04
N GLU A 539 18.94 5.99 23.03
CA GLU A 539 19.26 5.29 21.78
C GLU A 539 17.99 5.15 20.93
N SER A 540 17.84 6.01 19.92
CA SER A 540 16.66 5.97 19.06
C SER A 540 16.81 6.78 17.77
N GLY A 541 15.68 6.97 17.09
CA GLY A 541 15.66 7.72 15.85
C GLY A 541 16.69 7.22 14.86
N GLY A 542 17.79 7.95 14.71
CA GLY A 542 18.82 7.54 13.79
C GLY A 542 20.18 7.65 14.45
N GLN A 543 20.26 8.48 15.49
CA GLN A 543 21.52 8.69 16.21
C GLN A 543 21.63 7.76 17.42
N ASP A 544 22.87 7.48 17.83
CA ASP A 544 23.14 6.61 18.95
C ASP A 544 22.87 7.37 20.26
N ASN A 545 22.96 6.66 21.38
CA ASN A 545 22.73 7.24 22.70
C ASN A 545 23.88 8.10 23.25
N ASP A 546 23.51 9.08 24.08
CA ASP A 546 24.48 9.97 24.71
C ASP A 546 25.32 9.22 25.75
N VAL A 547 26.34 9.90 26.24
CA VAL A 547 27.21 9.36 27.26
C VAL A 547 27.72 10.50 28.13
N GLY A 548 27.57 10.35 29.45
CA GLY A 548 28.01 11.37 30.37
C GLY A 548 27.97 10.90 31.82
N TYR A 549 27.69 11.82 32.74
CA TYR A 549 27.61 11.48 34.16
C TYR A 549 26.72 12.44 34.93
N LEU A 550 26.28 12.01 36.10
CA LEU A 550 25.42 12.79 36.97
C LEU A 550 26.20 13.14 38.23
N ILE A 551 26.40 14.43 38.48
CA ILE A 551 27.13 14.88 39.66
C ILE A 551 26.13 15.35 40.72
N ALA A 552 26.50 15.18 41.98
CA ALA A 552 25.64 15.60 43.09
C ALA A 552 26.42 15.53 44.40
N ASN A 553 25.69 15.63 45.51
CA ASN A 553 26.30 15.59 46.82
C ASN A 553 26.61 14.13 47.14
N GLY A 554 27.39 13.50 46.26
CA GLY A 554 27.75 12.11 46.44
C GLY A 554 28.93 11.72 45.56
N GLY A 555 29.27 12.57 44.61
CA GLY A 555 30.40 12.29 43.73
C GLY A 555 30.08 12.40 42.25
N LYS A 556 30.52 11.41 41.48
CA LYS A 556 30.29 11.38 40.04
C LYS A 556 29.87 9.99 39.54
N PHE A 557 28.62 9.88 39.08
CA PHE A 557 28.08 8.62 38.58
C PHE A 557 28.07 8.63 37.05
N GLU A 558 28.93 7.82 36.46
CA GLU A 558 29.05 7.72 35.00
C GLU A 558 27.91 6.99 34.33
N VAL A 559 27.24 7.68 33.41
CA VAL A 559 26.14 7.10 32.67
C VAL A 559 26.76 6.54 31.41
N VAL A 560 26.71 5.22 31.26
CA VAL A 560 27.32 4.56 30.10
C VAL A 560 26.39 4.36 28.92
N ASP A 561 25.11 4.14 29.21
CA ASP A 561 24.13 3.95 28.15
C ASP A 561 22.77 4.55 28.55
N VAL A 562 21.91 4.77 27.57
CA VAL A 562 20.58 5.33 27.83
C VAL A 562 19.50 4.80 26.87
N LEU A 563 18.50 4.13 27.46
CA LEU A 563 17.38 3.58 26.72
C LEU A 563 16.15 4.33 27.17
N GLU A 564 14.98 3.78 26.88
CA GLU A 564 13.73 4.40 27.27
C GLU A 564 12.61 3.38 27.36
N ALA A 565 11.64 3.68 28.22
CA ALA A 565 10.52 2.78 28.43
C ALA A 565 9.20 3.53 28.45
N ASP A 566 8.51 3.54 27.32
CA ASP A 566 7.21 4.20 27.22
C ASP A 566 7.20 5.65 27.68
N GLY A 567 8.25 6.40 27.36
CA GLY A 567 8.30 7.80 27.74
C GLY A 567 9.27 8.13 28.85
N VAL A 568 9.67 7.12 29.62
CA VAL A 568 10.61 7.34 30.71
C VAL A 568 12.02 6.99 30.25
N VAL A 569 12.93 7.96 30.34
CA VAL A 569 14.32 7.77 29.94
C VAL A 569 15.13 7.07 31.01
N LEU A 570 15.90 6.06 30.60
CA LEU A 570 16.69 5.27 31.52
C LEU A 570 18.18 5.59 31.43
N HIS A 571 18.77 5.99 32.56
CA HIS A 571 20.19 6.31 32.57
C HIS A 571 20.94 5.12 33.16
N VAL A 572 21.61 4.37 32.29
CA VAL A 572 22.34 3.19 32.72
C VAL A 572 23.64 3.50 33.46
N VAL A 573 23.66 3.13 34.74
CA VAL A 573 24.81 3.32 35.61
C VAL A 573 25.01 2.01 36.39
N LYS A 574 26.26 1.68 36.69
CA LYS A 574 26.54 0.46 37.43
C LYS A 574 27.42 0.67 38.68
N GLY A 575 27.08 -0.07 39.73
CA GLY A 575 27.81 0.06 40.97
C GLY A 575 27.31 1.24 41.75
N ALA A 576 28.18 2.23 41.96
CA ALA A 576 27.81 3.43 42.71
C ALA A 576 26.62 4.12 42.05
N LYS A 577 25.42 3.82 42.54
CA LYS A 577 24.20 4.43 42.00
C LYS A 577 23.57 5.42 42.99
N PRO A 578 22.95 6.50 42.46
CA PRO A 578 22.31 7.54 43.26
C PRO A 578 21.10 7.09 44.08
N GLU A 579 20.81 7.84 45.13
CA GLU A 579 19.69 7.58 46.03
C GLU A 579 18.44 8.29 45.52
N VAL A 580 17.39 7.52 45.26
CA VAL A 580 16.13 8.07 44.76
C VAL A 580 15.70 9.29 45.57
N GLY A 581 15.77 10.47 44.95
CA GLY A 581 15.38 11.68 45.63
C GLY A 581 16.51 12.69 45.62
N THR A 582 17.69 12.25 45.19
CA THR A 582 18.85 13.12 45.13
C THR A 582 18.75 14.12 43.97
N LYS A 583 19.34 15.29 44.15
CA LYS A 583 19.35 16.32 43.13
C LYS A 583 20.70 16.20 42.44
N VAL A 584 20.67 16.11 41.12
CA VAL A 584 21.90 15.96 40.36
C VAL A 584 22.08 16.96 39.23
N LYS A 585 23.34 17.12 38.83
CA LYS A 585 23.71 18.00 37.73
C LYS A 585 24.21 17.10 36.62
N GLY A 586 23.34 16.83 35.65
CA GLY A 586 23.71 15.99 34.52
C GLY A 586 24.68 16.68 33.57
N VAL A 587 25.70 15.95 33.14
CA VAL A 587 26.69 16.49 32.22
C VAL A 587 26.93 15.53 31.06
N ILE A 588 26.50 15.91 29.86
CA ILE A 588 26.66 15.08 28.68
C ILE A 588 27.99 15.32 27.99
N ASP A 589 28.64 14.24 27.55
CA ASP A 589 29.93 14.37 26.87
C ASP A 589 29.77 15.13 25.55
N SER A 590 30.43 16.29 25.45
CA SER A 590 30.36 17.15 24.28
C SER A 590 30.76 16.44 22.96
N ASP A 591 31.85 15.70 22.99
CA ASP A 591 32.32 15.01 21.79
C ASP A 591 31.29 14.04 21.24
N VAL A 592 30.90 13.07 22.05
CA VAL A 592 29.92 12.07 21.65
C VAL A 592 28.63 12.71 21.14
N ARG A 593 28.21 13.81 21.75
CA ARG A 593 26.98 14.48 21.34
C ARG A 593 27.14 15.20 20.01
N TRP A 594 28.25 15.91 19.84
CA TRP A 594 28.48 16.64 18.62
C TRP A 594 28.68 15.74 17.43
N ARG A 595 29.39 14.64 17.65
CA ARG A 595 29.65 13.69 16.58
C ARG A 595 28.30 13.20 16.03
N HIS A 596 27.41 12.79 16.92
CA HIS A 596 26.11 12.30 16.52
C HIS A 596 25.28 13.40 15.85
N MSE A 597 25.38 14.62 16.35
CA MSE A 597 24.62 15.72 15.78
C MSE A 597 25.01 15.98 14.33
O MSE A 597 24.16 16.20 13.45
CB MSE A 597 24.83 17.00 16.58
CG MSE A 597 23.80 17.26 17.64
SE MSE A 597 24.47 18.58 18.89
CE MSE A 597 24.38 20.21 17.83
N ARG A 598 26.33 15.97 14.07
CA ARG A 598 26.85 16.20 12.75
C ARG A 598 26.42 15.12 11.76
N HIS A 599 26.62 13.87 12.16
CA HIS A 599 26.28 12.73 11.32
C HIS A 599 24.79 12.61 11.12
N HIS A 600 24.02 12.89 12.15
CA HIS A 600 22.59 12.79 12.00
C HIS A 600 22.08 13.89 11.07
N SER A 601 22.60 15.12 11.22
CA SER A 601 22.16 16.23 10.35
C SER A 601 22.66 15.94 8.92
N ALA A 602 23.84 15.34 8.82
CA ALA A 602 24.39 14.97 7.54
C ALA A 602 23.46 13.96 6.85
N THR A 603 22.88 13.04 7.62
CA THR A 603 21.98 12.04 7.06
C THR A 603 20.86 12.72 6.28
N HIS A 604 20.35 13.82 6.82
CA HIS A 604 19.28 14.56 6.19
C HIS A 604 19.78 15.21 4.90
N VAL A 605 20.93 15.87 4.97
CA VAL A 605 21.50 16.51 3.80
C VAL A 605 21.76 15.44 2.72
N LEU A 606 22.35 14.31 3.14
CA LEU A 606 22.66 13.22 2.23
C LEU A 606 21.41 12.65 1.57
N LEU A 607 20.35 12.49 2.36
CA LEU A 607 19.12 11.95 1.83
C LEU A 607 18.59 12.89 0.77
N TYR A 608 18.56 14.18 1.08
CA TYR A 608 18.11 15.23 0.16
C TYR A 608 18.94 15.22 -1.11
N SER A 609 20.26 15.07 -0.96
CA SER A 609 21.16 15.07 -2.10
C SER A 609 20.96 13.85 -2.99
N LEU A 610 20.80 12.70 -2.35
CA LEU A 610 20.56 11.46 -3.06
C LEU A 610 19.29 11.54 -3.94
N GLN A 611 18.23 12.15 -3.42
CA GLN A 611 17.01 12.28 -4.21
C GLN A 611 17.22 13.22 -5.39
N LYS A 612 17.86 14.36 -5.15
CA LYS A 612 18.10 15.32 -6.23
C LYS A 612 18.88 14.72 -7.39
N VAL A 613 19.94 14.00 -7.09
CA VAL A 613 20.78 13.41 -8.11
C VAL A 613 20.21 12.15 -8.76
N LEU A 614 19.83 11.19 -7.94
CA LEU A 614 19.32 9.94 -8.44
C LEU A 614 17.87 9.93 -8.86
N GLY A 615 17.01 10.65 -8.18
CA GLY A 615 15.60 10.65 -8.58
C GLY A 615 14.62 10.51 -7.43
N ASN A 616 13.37 10.85 -7.69
CA ASN A 616 12.34 10.76 -6.66
C ASN A 616 11.97 9.36 -6.20
N HIS A 617 12.53 8.36 -6.85
CA HIS A 617 12.26 6.99 -6.45
C HIS A 617 13.13 6.72 -5.23
N VAL A 618 14.08 7.61 -4.96
CA VAL A 618 14.93 7.41 -3.80
C VAL A 618 14.23 7.69 -2.49
N TRP A 619 14.16 6.67 -1.63
CA TRP A 619 13.53 6.77 -0.30
C TRP A 619 14.41 6.02 0.67
N GLN A 620 14.48 6.48 1.91
CA GLN A 620 15.27 5.77 2.93
C GLN A 620 14.77 4.31 3.02
N ALA A 621 15.66 3.35 2.84
CA ALA A 621 15.31 1.92 2.92
C ALA A 621 15.02 1.53 4.36
N GLY A 622 15.62 2.25 5.29
CA GLY A 622 15.37 1.95 6.69
C GLY A 622 16.58 2.15 7.57
N ALA A 623 16.35 2.06 8.88
CA ALA A 623 17.42 2.21 9.86
C ALA A 623 17.42 1.03 10.84
N ARG A 624 17.57 -0.18 10.30
CA ARG A 624 17.62 -1.39 11.13
C ARG A 624 18.94 -1.32 11.91
N LYS A 625 18.85 -0.66 13.05
CA LYS A 625 19.98 -0.39 13.94
C LYS A 625 21.23 -1.24 14.08
N GLU A 626 22.33 -0.49 14.13
CA GLU A 626 23.72 -0.92 14.26
C GLU A 626 24.40 0.40 13.95
N PHE A 627 24.87 1.09 14.98
CA PHE A 627 25.47 2.40 14.79
C PHE A 627 27.00 2.42 14.74
N SER A 628 27.60 1.26 14.47
CA SER A 628 29.04 1.14 14.40
C SER A 628 29.59 2.24 13.47
N LYS A 629 28.90 2.43 12.37
CA LYS A 629 29.26 3.45 11.38
C LYS A 629 28.07 4.34 11.07
N ALA A 630 28.33 5.49 10.46
CA ALA A 630 27.27 6.41 10.05
C ALA A 630 26.85 5.90 8.66
N ARG A 631 25.66 5.33 8.57
CA ARG A 631 25.19 4.76 7.32
C ARG A 631 23.79 5.19 6.95
N LEU A 632 23.50 5.16 5.65
CA LEU A 632 22.19 5.52 5.17
C LEU A 632 21.86 4.55 4.05
N ASP A 633 20.75 3.84 4.20
CA ASP A 633 20.28 2.89 3.22
C ASP A 633 19.11 3.55 2.50
N VAL A 634 19.12 3.44 1.16
CA VAL A 634 18.09 4.01 0.30
C VAL A 634 17.66 3.08 -0.81
N THR A 635 16.49 3.33 -1.39
CA THR A 635 16.04 2.45 -2.45
C THR A 635 16.54 2.94 -3.81
N HIS A 636 17.41 2.17 -4.45
CA HIS A 636 17.91 2.56 -5.77
C HIS A 636 18.10 1.25 -6.53
N PHE A 637 17.77 1.26 -7.82
CA PHE A 637 17.80 0.07 -8.67
C PHE A 637 19.10 -0.43 -9.22
N ARG A 638 20.21 0.14 -8.77
CA ARG A 638 21.51 -0.34 -9.22
C ARG A 638 22.54 0.43 -8.45
N ARG A 639 23.80 0.07 -8.67
CA ARG A 639 24.89 0.74 -8.03
C ARG A 639 25.09 2.12 -8.63
N PRO A 640 25.33 3.13 -7.77
CA PRO A 640 25.55 4.49 -8.28
C PRO A 640 26.89 4.48 -9.04
N SER A 641 27.00 5.17 -10.18
CA SER A 641 28.30 5.18 -10.87
C SER A 641 29.25 6.09 -10.07
N GLU A 642 30.55 6.04 -10.36
CA GLU A 642 31.52 6.88 -9.65
C GLU A 642 31.22 8.35 -9.81
N GLU A 643 30.73 8.74 -10.98
CA GLU A 643 30.41 10.15 -11.21
C GLU A 643 29.17 10.55 -10.40
N GLU A 644 28.21 9.66 -10.29
CA GLU A 644 27.02 10.00 -9.53
C GLU A 644 27.39 10.19 -8.06
N ILE A 645 28.17 9.25 -7.54
CA ILE A 645 28.66 9.29 -6.17
C ILE A 645 29.40 10.60 -5.96
N LYS A 646 30.25 10.94 -6.91
CA LYS A 646 31.00 12.19 -6.85
C LYS A 646 30.01 13.36 -6.82
N GLU A 647 28.99 13.25 -7.65
CA GLU A 647 27.96 14.30 -7.71
C GLU A 647 27.12 14.33 -6.40
N ILE A 648 26.89 13.18 -5.76
CA ILE A 648 26.12 13.16 -4.51
C ILE A 648 26.90 13.90 -3.42
N GLU A 649 28.16 13.57 -3.32
CA GLU A 649 29.00 14.21 -2.32
C GLU A 649 29.07 15.72 -2.57
N MSE A 650 29.34 16.11 -3.81
CA MSE A 650 29.46 17.53 -4.17
C MSE A 650 28.22 18.32 -3.80
O MSE A 650 28.29 19.38 -3.18
CB MSE A 650 29.73 17.68 -5.68
CG MSE A 650 31.21 17.71 -6.07
SE MSE A 650 32.15 19.23 -5.26
CE MSE A 650 30.85 20.65 -5.59
N LEU A 651 27.06 17.80 -4.18
CA LEU A 651 25.81 18.49 -3.91
C LEU A 651 25.57 18.66 -2.42
N ALA A 652 25.86 17.61 -1.64
CA ALA A 652 25.68 17.69 -0.20
C ALA A 652 26.60 18.76 0.39
N ASN A 653 27.87 18.76 -0.01
CA ASN A 653 28.80 19.77 0.49
C ASN A 653 28.43 21.17 0.04
N ARG A 654 27.75 21.32 -1.09
CA ARG A 654 27.34 22.67 -1.46
C ARG A 654 26.20 23.09 -0.52
N GLU A 655 25.38 22.14 -0.08
CA GLU A 655 24.29 22.44 0.85
C GLU A 655 24.84 22.83 2.21
N ILE A 656 25.87 22.10 2.64
CA ILE A 656 26.54 22.34 3.91
C ILE A 656 27.26 23.69 3.87
N LEU A 657 27.98 23.93 2.78
CA LEU A 657 28.74 25.16 2.62
C LEU A 657 27.79 26.35 2.52
N ALA A 658 26.57 26.11 2.06
CA ALA A 658 25.57 27.16 1.94
C ALA A 658 25.10 27.56 3.34
N ASN A 659 25.43 26.72 4.32
CA ASN A 659 25.08 26.96 5.71
C ASN A 659 23.62 27.37 5.86
N LYS A 660 22.70 26.55 5.36
CA LYS A 660 21.28 26.85 5.46
C LYS A 660 20.84 26.56 6.88
N PRO A 661 19.73 27.17 7.31
CA PRO A 661 19.17 26.99 8.65
C PRO A 661 18.54 25.61 8.90
N ILE A 662 18.62 25.14 10.15
CA ILE A 662 18.02 23.87 10.55
C ILE A 662 16.99 24.23 11.62
N LYS A 663 15.74 23.85 11.38
CA LYS A 663 14.67 24.21 12.29
C LYS A 663 13.88 23.00 12.77
N TRP A 664 13.18 23.16 13.87
CA TRP A 664 12.36 22.06 14.40
C TRP A 664 11.28 22.67 15.25
N GLU A 665 10.10 22.05 15.23
CA GLU A 665 8.97 22.55 16.00
C GLU A 665 7.83 21.55 15.96
N TRP A 666 7.09 21.44 17.05
CA TRP A 666 5.96 20.52 17.12
C TRP A 666 4.85 21.05 16.22
N MSE A 667 4.27 20.16 15.44
CA MSE A 667 3.24 20.55 14.49
C MSE A 667 2.15 19.50 14.42
O MSE A 667 2.43 18.30 14.55
CB MSE A 667 3.88 20.72 13.13
CG MSE A 667 3.16 21.57 12.15
SE MSE A 667 4.26 21.73 10.54
CE MSE A 667 5.93 22.35 11.30
N ASP A 668 0.92 19.93 14.19
CA ASP A 668 -0.18 18.99 14.06
C ASP A 668 0.11 18.18 12.79
N ARG A 669 -0.27 16.90 12.80
CA ARG A 669 -0.05 16.03 11.65
C ARG A 669 -0.58 16.62 10.35
N ILE A 670 -1.89 16.83 10.26
CA ILE A 670 -2.51 17.32 9.03
C ILE A 670 -1.83 18.56 8.48
N GLU A 671 -1.38 19.40 9.40
CA GLU A 671 -0.71 20.62 9.01
C GLU A 671 0.65 20.28 8.40
N ALA A 672 1.33 19.32 9.00
CA ALA A 672 2.65 18.90 8.55
C ALA A 672 2.58 18.23 7.18
N GLU A 673 1.66 17.27 7.04
CA GLU A 673 1.51 16.57 5.80
C GLU A 673 1.08 17.51 4.68
N ARG A 674 0.20 18.44 5.00
CA ARG A 674 -0.29 19.35 3.99
C ARG A 674 0.81 20.27 3.49
N LYS A 675 1.75 20.58 4.38
CA LYS A 675 2.85 21.45 4.03
C LYS A 675 4.05 20.75 3.42
N PHE A 676 4.38 19.56 3.92
CA PHE A 676 5.56 18.87 3.46
C PHE A 676 5.41 17.56 2.73
N GLY A 677 4.20 17.04 2.61
CA GLY A 677 4.00 15.78 1.93
C GLY A 677 4.47 14.59 2.73
N PHE A 678 4.34 13.41 2.16
CA PHE A 678 4.72 12.19 2.87
C PHE A 678 6.19 11.93 2.97
N ARG A 679 6.99 12.79 2.32
CA ARG A 679 8.47 12.72 2.37
C ARG A 679 8.83 12.96 3.83
N LEU A 680 7.84 13.37 4.60
CA LEU A 680 7.97 13.61 6.02
C LEU A 680 8.23 12.29 6.80
N TYR A 681 7.83 11.14 6.24
CA TYR A 681 8.01 9.89 6.95
C TYR A 681 9.11 8.94 6.47
N GLN A 682 10.12 9.46 5.79
CA GLN A 682 11.20 8.61 5.31
C GLN A 682 11.83 7.76 6.40
N GLY A 683 11.98 8.34 7.58
CA GLY A 683 12.59 7.60 8.68
C GLY A 683 11.58 6.89 9.55
N GLY A 684 10.35 6.73 9.04
CA GLY A 684 9.32 6.05 9.80
C GLY A 684 8.12 6.94 10.10
N VAL A 685 7.05 6.35 10.59
CA VAL A 685 5.85 7.10 10.92
C VAL A 685 5.64 7.09 12.43
N PRO A 686 5.80 8.26 13.09
CA PRO A 686 5.63 8.41 14.54
C PRO A 686 4.17 8.68 14.94
N PRO A 687 3.78 8.29 16.16
CA PRO A 687 2.41 8.50 16.65
C PRO A 687 2.23 9.91 17.19
N GLY A 688 1.00 10.25 17.56
CA GLY A 688 0.75 11.56 18.14
C GLY A 688 -0.05 12.55 17.31
N ARG A 689 -0.83 13.39 17.98
CA ARG A 689 -1.63 14.40 17.31
C ARG A 689 -0.67 15.47 16.82
N LYS A 690 0.47 15.56 17.50
CA LYS A 690 1.50 16.53 17.15
C LYS A 690 2.83 15.81 16.97
N ILE A 691 3.51 16.10 15.87
CA ILE A 691 4.79 15.47 15.60
C ILE A 691 5.93 16.49 15.50
N ARG A 692 7.12 16.08 15.86
CA ARG A 692 8.24 16.99 15.77
C ARG A 692 8.70 17.05 14.32
N VAL A 693 8.70 18.25 13.74
CA VAL A 693 9.13 18.42 12.33
C VAL A 693 10.50 19.10 12.25
N VAL A 694 11.46 18.42 11.65
CA VAL A 694 12.81 18.95 11.51
C VAL A 694 13.07 19.33 10.06
N GLN A 695 13.70 20.48 9.89
CA GLN A 695 14.04 21.00 8.56
C GLN A 695 15.53 21.27 8.49
N VAL A 696 16.26 20.36 7.84
CA VAL A 696 17.70 20.51 7.66
C VAL A 696 17.85 20.95 6.21
N GLY A 697 17.95 22.26 6.00
CA GLY A 697 18.07 22.80 4.65
C GLY A 697 16.68 22.69 4.08
N ASP A 698 16.55 22.07 2.90
CA ASP A 698 15.27 21.86 2.23
C ASP A 698 14.66 20.49 2.50
N ASP A 699 15.35 19.67 3.30
CA ASP A 699 14.81 18.37 3.63
C ASP A 699 13.90 18.56 4.85
N VAL A 700 12.72 17.94 4.84
CA VAL A 700 11.79 18.06 5.96
C VAL A 700 11.34 16.68 6.44
N GLN A 701 11.58 16.38 7.71
CA GLN A 701 11.22 15.05 8.24
C GLN A 701 10.67 15.10 9.66
N ALA A 702 9.90 14.08 9.99
CA ALA A 702 9.34 13.98 11.31
C ALA A 702 10.50 13.29 12.02
N CYS A 703 11.22 14.04 12.83
CA CYS A 703 12.38 13.48 13.48
C CYS A 703 12.47 13.87 14.94
N GLY A 704 12.98 12.98 15.78
CA GLY A 704 13.10 13.29 17.19
C GLY A 704 14.54 13.44 17.65
N GLY A 705 15.49 13.44 16.72
CA GLY A 705 16.88 13.55 17.12
C GLY A 705 17.43 14.95 17.32
N THR A 706 18.68 15.03 17.73
CA THR A 706 19.33 16.32 17.94
C THR A 706 20.11 16.72 16.68
N HIS A 707 19.87 17.93 16.19
CA HIS A 707 20.55 18.39 15.00
C HIS A 707 21.38 19.65 15.17
N CYS A 708 22.25 19.91 14.20
CA CYS A 708 23.04 21.13 14.22
C CYS A 708 22.09 22.34 14.06
N ARG A 709 22.59 23.54 14.34
CA ARG A 709 21.76 24.74 14.23
C ARG A 709 21.66 25.23 12.80
N SER A 710 22.68 24.92 12.00
CA SER A 710 22.72 25.29 10.60
C SER A 710 23.57 24.22 9.93
N THR A 711 23.38 24.00 8.63
CA THR A 711 24.10 22.95 7.91
C THR A 711 25.62 23.14 7.92
N GLY A 712 26.05 24.38 8.11
CA GLY A 712 27.48 24.62 8.13
C GLY A 712 28.16 23.92 9.29
N GLU A 713 27.40 23.55 10.32
CA GLU A 713 28.01 22.90 11.48
C GLU A 713 28.28 21.42 11.30
N ILE A 714 27.81 20.89 10.18
CA ILE A 714 27.97 19.47 9.91
C ILE A 714 29.41 19.15 9.56
N GLY A 715 30.07 20.07 8.87
CA GLY A 715 31.44 19.80 8.45
C GLY A 715 31.36 19.11 7.10
N MSE A 716 32.51 18.88 6.47
CA MSE A 716 32.55 18.22 5.17
C MSE A 716 32.02 16.80 5.25
O MSE A 716 32.24 16.08 6.22
CB MSE A 716 33.98 18.22 4.60
CG MSE A 716 34.10 17.43 3.29
SE MSE A 716 35.87 17.46 2.45
CE MSE A 716 35.78 19.25 1.73
N LEU A 717 31.29 16.39 4.21
CA LEU A 717 30.72 15.06 4.11
C LEU A 717 31.54 14.27 3.10
N LYS A 718 32.05 13.13 3.53
CA LYS A 718 32.84 12.24 2.67
C LYS A 718 32.18 10.87 2.60
N ILE A 719 31.80 10.46 1.40
CA ILE A 719 31.19 9.16 1.23
C ILE A 719 32.38 8.19 1.26
N LEU A 720 32.41 7.35 2.28
CA LEU A 720 33.51 6.41 2.44
C LEU A 720 33.23 5.09 1.78
N LYS A 721 31.97 4.74 1.67
CA LYS A 721 31.65 3.46 1.06
C LYS A 721 30.24 3.38 0.48
N VAL A 722 30.12 2.77 -0.69
CA VAL A 722 28.83 2.60 -1.34
C VAL A 722 28.67 1.12 -1.57
N GLU A 723 27.69 0.49 -0.93
CA GLU A 723 27.52 -0.94 -1.14
C GLU A 723 26.10 -1.40 -1.48
N SER A 724 26.02 -2.48 -2.25
CA SER A 724 24.74 -3.06 -2.63
C SER A 724 24.37 -4.13 -1.61
N ILE A 725 23.69 -3.73 -0.53
CA ILE A 725 23.25 -4.64 0.52
C ILE A 725 22.39 -5.76 -0.08
N GLN A 726 21.35 -5.37 -0.80
CA GLN A 726 20.45 -6.31 -1.45
C GLN A 726 19.83 -5.63 -2.66
N ASP A 727 19.29 -6.40 -3.59
CA ASP A 727 18.66 -5.81 -4.76
C ASP A 727 17.73 -4.68 -4.35
N GLY A 728 17.84 -3.53 -5.02
CA GLY A 728 16.98 -2.41 -4.70
C GLY A 728 17.37 -1.57 -3.49
N VAL A 729 18.47 -1.91 -2.83
CA VAL A 729 18.89 -1.14 -1.66
C VAL A 729 20.39 -0.82 -1.68
N ILE A 730 20.76 0.45 -1.62
CA ILE A 730 22.18 0.78 -1.60
C ILE A 730 22.56 1.47 -0.29
N ARG A 731 23.68 1.05 0.28
CA ARG A 731 24.16 1.59 1.53
C ARG A 731 25.29 2.60 1.35
N PHE A 732 25.13 3.75 2.00
CA PHE A 732 26.14 4.79 1.96
C PHE A 732 26.72 4.93 3.35
N GLU A 733 28.03 4.72 3.49
CA GLU A 733 28.72 4.89 4.77
C GLU A 733 29.46 6.20 4.56
N PHE A 734 29.39 7.10 5.55
CA PHE A 734 30.03 8.40 5.41
C PHE A 734 30.57 8.94 6.71
N ALA A 735 31.35 10.01 6.60
CA ALA A 735 31.93 10.68 7.74
C ALA A 735 31.58 12.17 7.61
N ALA A 736 31.25 12.80 8.72
CA ALA A 736 30.91 14.22 8.71
C ALA A 736 31.75 14.99 9.74
N GLY A 737 32.61 15.87 9.26
CA GLY A 737 33.43 16.65 10.16
C GLY A 737 34.50 15.84 10.87
N GLU A 738 34.92 14.72 10.28
CA GLU A 738 35.94 13.87 10.88
C GLU A 738 36.43 12.79 9.94
N ALA A 739 37.06 11.75 10.49
CA ALA A 739 37.59 10.63 9.71
C ALA A 739 36.51 9.67 9.16
N A5A B . -13.40 -0.45 2.22
CA A5A B . -14.60 -0.82 1.49
CB A5A B . -15.45 0.41 1.17
C A5A B . -14.24 -1.51 0.16
O A5A B . -13.06 -1.47 -0.23
N3S A5A B . -15.23 -2.08 -0.50
S A5A B . -14.68 -2.97 -1.75
O1S A5A B . -13.59 -3.89 -1.27
O2S A5A B . -15.81 -3.78 -2.31
O5' A5A B . -14.18 -2.11 -2.78
C5' A5A B . -15.02 -1.07 -3.31
C4' A5A B . -15.22 -1.21 -4.82
O4' A5A B . -14.01 -1.08 -5.59
C3' A5A B . -15.78 -2.57 -5.25
O3' A5A B . -17.19 -2.61 -4.98
C2' A5A B . -15.56 -2.43 -6.75
O2' A5A B . -16.48 -1.48 -7.29
C1' A5A B . -14.14 -1.84 -6.79
N9 A5A B . -13.17 -2.96 -6.78
C8 A5A B . -12.82 -3.69 -5.56
N7 A5A B . -11.75 -4.58 -6.02
C5 A5A B . -11.65 -4.45 -7.35
C6 A5A B . -10.80 -5.07 -8.27
N6 A5A B . -9.90 -5.95 -7.84
N1 A5A B . -10.86 -4.72 -9.55
C2 A5A B . -11.70 -3.78 -9.96
N3 A5A B . -12.51 -3.16 -9.11
C4 A5A B . -12.51 -3.46 -7.81
ZN ZN C . 17.20 -24.22 -5.47
ZN ZN D . 16.85 14.01 12.28
#